data_7S2T
#
_entry.id   7S2T
#
_cell.length_a   1.00
_cell.length_b   1.00
_cell.length_c   1.00
_cell.angle_alpha   90.00
_cell.angle_beta   90.00
_cell.angle_gamma   90.00
#
_symmetry.space_group_name_H-M   'P 1'
#
loop_
_entity.id
_entity.type
_entity.pdbx_description
1 polymer EncA
2 polymer 'EncB targeting peptide'
#
loop_
_entity_poly.entity_id
_entity_poly.type
_entity_poly.pdbx_seq_one_letter_code
_entity_poly.pdbx_strand_id
1 'polypeptide(L)'
;MHHHHHHMPLEPHFMPDFLGHAENPLREEEWARLNETVIQVARRSLVGRRILDIYGPLGAGVQTVPYDEFQGVSPGAVDI
VGEQETAMVFTDARKFKTIPIIYKDFLLHWRDIEAARTHNMPLDVSAAAGAAALCAQQEDELIFYGDARLGYEGLMTANG
RLTVPLGDWTSPGGGFQAIVEATRKLNEQGHFGPYAVVLSPRLYSQLHRIYEKTGVLEIETIRQLASDGVYQSNRLRGES
GVVVSTGRENMDLAVSMDMVAAYLGASRMNHPFRVLEALLLRIKHPDAICTLEGAGATERR
;
A,C,B
2 'polypeptide(L)' ESHPLTVGSLRR F,G,H
#
# COMPACT_ATOMS: atom_id res chain seq x y z
N PHE A 18 2.99 -11.00 -19.71
CA PHE A 18 4.11 -11.47 -20.51
C PHE A 18 4.96 -12.43 -19.69
N LEU A 19 5.93 -13.03 -20.35
CA LEU A 19 6.81 -14.02 -19.72
C LEU A 19 7.87 -13.29 -18.91
N GLY A 20 8.91 -14.02 -18.50
CA GLY A 20 9.99 -13.43 -17.73
C GLY A 20 11.11 -12.96 -18.64
N HIS A 21 12.20 -13.73 -18.70
CA HIS A 21 13.31 -13.45 -19.62
C HIS A 21 13.95 -12.10 -19.34
N ALA A 22 13.82 -11.64 -18.10
CA ALA A 22 14.45 -10.44 -17.57
C ALA A 22 14.20 -10.43 -16.08
N GLU A 23 15.14 -9.83 -15.33
CA GLU A 23 15.12 -9.81 -13.87
C GLU A 23 14.65 -11.14 -13.30
N ASN A 24 15.27 -12.22 -13.79
CA ASN A 24 14.92 -13.59 -13.43
C ASN A 24 16.16 -14.36 -13.04
N PRO A 25 16.01 -15.40 -12.23
CA PRO A 25 17.19 -16.09 -11.70
C PRO A 25 17.97 -16.87 -12.74
N LEU A 26 17.30 -17.75 -13.46
CA LEU A 26 17.99 -18.71 -14.29
C LEU A 26 18.63 -18.02 -15.49
N ARG A 27 19.66 -18.66 -16.04
CA ARG A 27 20.25 -18.23 -17.28
C ARG A 27 19.75 -19.11 -18.42
N GLU A 28 20.28 -18.87 -19.63
CA GLU A 28 19.67 -19.41 -20.83
C GLU A 28 19.63 -20.94 -20.81
N GLU A 29 20.73 -21.57 -20.41
CA GLU A 29 20.79 -23.03 -20.45
C GLU A 29 19.75 -23.66 -19.53
N GLU A 30 19.60 -23.11 -18.32
CA GLU A 30 18.59 -23.64 -17.42
C GLU A 30 17.19 -23.43 -17.99
N TRP A 31 16.97 -22.30 -18.68
CA TRP A 31 15.69 -22.09 -19.34
C TRP A 31 15.44 -23.18 -20.37
N ALA A 32 16.42 -23.46 -21.21
CA ALA A 32 16.23 -24.47 -22.24
C ALA A 32 15.94 -25.82 -21.63
N ARG A 33 16.66 -26.19 -20.58
CA ARG A 33 16.42 -27.48 -19.95
C ARG A 33 15.03 -27.55 -19.35
N LEU A 34 14.59 -26.46 -18.70
CA LEU A 34 13.26 -26.46 -18.10
C LEU A 34 12.18 -26.61 -19.16
N ASN A 35 12.31 -25.86 -20.26
CA ASN A 35 11.34 -25.95 -21.34
C ASN A 35 11.32 -27.34 -21.95
N GLU A 36 12.50 -27.92 -22.16
CA GLU A 36 12.53 -29.27 -22.71
C GLU A 36 11.86 -30.26 -21.78
N THR A 37 12.09 -30.14 -20.47
CA THR A 37 11.46 -31.06 -19.55
C THR A 37 9.95 -30.96 -19.62
N VAL A 38 9.42 -29.73 -19.60
CA VAL A 38 7.97 -29.61 -19.59
C VAL A 38 7.38 -30.13 -20.89
N ILE A 39 8.01 -29.82 -22.03
CA ILE A 39 7.51 -30.33 -23.30
C ILE A 39 7.50 -31.85 -23.31
N GLN A 40 8.60 -32.47 -22.87
CA GLN A 40 8.69 -33.92 -22.96
C GLN A 40 7.66 -34.60 -22.07
N VAL A 41 7.52 -34.15 -20.83
CA VAL A 41 6.55 -34.81 -19.97
C VAL A 41 5.13 -34.58 -20.47
N ALA A 42 4.86 -33.39 -21.02
CA ALA A 42 3.54 -33.18 -21.61
C ALA A 42 3.30 -34.14 -22.74
N ARG A 43 4.25 -34.23 -23.67
CA ARG A 43 4.08 -35.03 -24.87
C ARG A 43 3.92 -36.50 -24.54
N ARG A 44 4.51 -36.95 -23.43
CA ARG A 44 4.23 -38.31 -22.98
C ARG A 44 2.83 -38.41 -22.38
N SER A 45 2.39 -37.38 -21.67
CA SER A 45 1.21 -37.52 -20.83
C SER A 45 -0.11 -37.50 -21.59
N LEU A 46 -0.22 -36.68 -22.64
CA LEU A 46 -1.51 -36.36 -23.23
C LEU A 46 -2.09 -37.53 -24.01
N VAL A 47 -3.36 -37.84 -23.75
CA VAL A 47 -4.08 -38.85 -24.51
C VAL A 47 -5.36 -38.29 -25.11
N GLY A 48 -5.51 -36.98 -25.13
CA GLY A 48 -6.62 -36.35 -25.80
C GLY A 48 -6.16 -35.63 -27.05
N ARG A 49 -4.99 -35.04 -26.98
CA ARG A 49 -4.52 -34.33 -28.15
C ARG A 49 -4.01 -35.24 -29.22
N ARG A 50 -4.13 -36.55 -29.05
CA ARG A 50 -3.79 -37.52 -30.07
C ARG A 50 -4.99 -37.96 -30.89
N ILE A 51 -6.19 -37.49 -30.53
CA ILE A 51 -7.42 -37.94 -31.17
C ILE A 51 -8.19 -36.79 -31.81
N LEU A 52 -7.73 -35.55 -31.65
CA LEU A 52 -8.46 -34.37 -32.14
C LEU A 52 -7.47 -33.42 -32.77
N ASP A 53 -7.53 -33.25 -34.09
CA ASP A 53 -6.65 -32.32 -34.76
C ASP A 53 -6.94 -30.89 -34.31
N ILE A 54 -5.90 -30.08 -34.21
CA ILE A 54 -5.97 -28.79 -33.56
C ILE A 54 -6.12 -27.67 -34.57
N TYR A 55 -6.92 -26.67 -34.22
CA TYR A 55 -6.94 -25.41 -34.93
C TYR A 55 -5.74 -24.59 -34.51
N GLY A 56 -4.94 -24.16 -35.48
CA GLY A 56 -3.60 -23.69 -35.25
C GLY A 56 -3.46 -22.59 -34.23
N PRO A 57 -2.22 -22.25 -33.88
CA PRO A 57 -2.03 -21.28 -32.79
C PRO A 57 -2.48 -19.89 -33.18
N LEU A 58 -3.65 -19.48 -32.66
CA LEU A 58 -4.19 -18.18 -33.02
C LEU A 58 -3.31 -17.04 -32.52
N GLY A 59 -2.84 -17.14 -31.28
CA GLY A 59 -2.09 -16.05 -30.69
C GLY A 59 -2.49 -15.85 -29.25
N ALA A 60 -1.77 -14.99 -28.54
CA ALA A 60 -2.05 -14.81 -27.11
C ALA A 60 -3.36 -14.10 -26.90
N GLY A 61 -3.59 -13.01 -27.63
CA GLY A 61 -4.65 -12.07 -27.28
C GLY A 61 -6.05 -12.57 -27.53
N VAL A 62 -6.22 -13.54 -28.41
CA VAL A 62 -7.56 -14.02 -28.74
C VAL A 62 -8.20 -14.62 -27.49
N GLN A 63 -9.47 -14.31 -27.28
CA GLN A 63 -10.21 -14.87 -26.16
C GLN A 63 -11.52 -15.51 -26.55
N THR A 64 -11.97 -15.32 -27.77
CA THR A 64 -13.21 -15.91 -28.23
C THR A 64 -12.97 -16.59 -29.57
N VAL A 65 -13.71 -17.66 -29.81
CA VAL A 65 -13.62 -18.36 -31.08
C VAL A 65 -15.04 -18.64 -31.57
N PRO A 66 -15.27 -18.58 -32.88
CA PRO A 66 -16.61 -18.89 -33.38
C PRO A 66 -16.93 -20.36 -33.15
N TYR A 67 -18.10 -20.61 -32.59
CA TYR A 67 -18.51 -21.96 -32.23
C TYR A 67 -19.70 -22.33 -33.09
N ASP A 68 -19.45 -23.01 -34.20
CA ASP A 68 -20.50 -23.30 -35.16
C ASP A 68 -21.60 -24.12 -34.51
N GLU A 69 -22.84 -23.72 -34.79
CA GLU A 69 -23.98 -24.05 -33.96
C GLU A 69 -24.28 -25.54 -33.88
N PHE A 70 -24.68 -26.14 -35.00
CA PHE A 70 -25.39 -27.40 -34.87
C PHE A 70 -25.28 -28.21 -36.17
N GLN A 71 -26.16 -29.19 -36.32
CA GLN A 71 -26.00 -30.31 -37.22
C GLN A 71 -26.96 -30.25 -38.39
N GLY A 72 -26.63 -31.03 -39.41
CA GLY A 72 -27.51 -31.30 -40.52
C GLY A 72 -27.08 -32.60 -41.17
N VAL A 73 -27.96 -33.15 -42.00
CA VAL A 73 -27.66 -34.39 -42.69
C VAL A 73 -27.75 -34.12 -44.18
N SER A 74 -27.43 -32.90 -44.59
CA SER A 74 -27.54 -32.52 -45.98
C SER A 74 -26.52 -33.28 -46.82
N PRO A 75 -26.93 -34.02 -47.85
CA PRO A 75 -25.96 -34.69 -48.72
C PRO A 75 -25.65 -33.87 -49.95
N GLY A 76 -24.39 -33.94 -50.38
CA GLY A 76 -24.02 -33.40 -51.66
C GLY A 76 -24.70 -34.15 -52.79
N ALA A 77 -24.88 -33.48 -53.92
CA ALA A 77 -25.61 -34.06 -55.03
C ALA A 77 -24.83 -33.86 -56.31
N VAL A 78 -25.02 -34.81 -57.24
CA VAL A 78 -24.40 -34.77 -58.56
C VAL A 78 -25.49 -34.87 -59.61
N ASP A 79 -25.43 -33.99 -60.61
CA ASP A 79 -26.35 -33.96 -61.74
C ASP A 79 -25.58 -33.53 -62.97
N ILE A 80 -26.27 -33.48 -64.11
CA ILE A 80 -25.64 -33.08 -65.35
C ILE A 80 -25.29 -31.60 -65.32
N VAL A 81 -26.22 -30.76 -64.88
CA VAL A 81 -25.96 -29.36 -64.60
C VAL A 81 -26.49 -29.03 -63.20
N GLY A 82 -25.67 -28.34 -62.42
CA GLY A 82 -25.97 -28.12 -61.02
C GLY A 82 -27.10 -27.17 -60.74
N GLU A 83 -28.24 -27.71 -60.29
CA GLU A 83 -29.35 -26.88 -59.85
C GLU A 83 -29.93 -27.37 -58.53
N GLN A 84 -29.28 -28.32 -57.86
CA GLN A 84 -29.80 -28.88 -56.63
C GLN A 84 -29.69 -27.92 -55.45
N GLU A 85 -28.82 -26.90 -55.57
CA GLU A 85 -28.72 -25.75 -54.66
C GLU A 85 -28.11 -26.08 -53.31
N THR A 86 -27.91 -27.37 -53.00
CA THR A 86 -26.91 -27.87 -52.04
C THR A 86 -26.62 -26.92 -50.89
N ALA A 87 -27.66 -26.39 -50.25
CA ALA A 87 -27.49 -25.25 -49.35
C ALA A 87 -26.92 -25.71 -48.02
N MET A 88 -25.67 -25.37 -47.75
CA MET A 88 -25.13 -25.48 -46.40
C MET A 88 -25.62 -24.24 -45.64
N VAL A 89 -26.64 -24.43 -44.81
CA VAL A 89 -27.45 -23.33 -44.28
C VAL A 89 -27.44 -23.36 -42.77
N PHE A 90 -27.26 -22.18 -42.16
CA PHE A 90 -27.46 -21.98 -40.73
C PHE A 90 -28.02 -20.58 -40.52
N THR A 91 -29.12 -20.48 -39.74
CA THR A 91 -29.89 -19.25 -39.67
C THR A 91 -30.17 -18.74 -38.25
N ASP A 92 -29.60 -19.36 -37.23
CA ASP A 92 -29.98 -19.05 -35.86
C ASP A 92 -29.07 -18.02 -35.18
N ALA A 93 -27.79 -18.32 -35.04
CA ALA A 93 -26.85 -17.46 -34.33
C ALA A 93 -25.44 -17.99 -34.59
N ARG A 94 -24.47 -17.51 -33.83
CA ARG A 94 -23.15 -18.12 -33.85
C ARG A 94 -22.68 -18.49 -32.45
N LYS A 95 -23.08 -17.70 -31.45
CA LYS A 95 -22.79 -17.94 -30.03
C LYS A 95 -21.31 -18.31 -29.81
N PHE A 96 -20.45 -17.32 -30.04
CA PHE A 96 -19.04 -17.47 -29.73
C PHE A 96 -18.85 -17.92 -28.29
N LYS A 97 -17.67 -18.46 -27.96
CA LYS A 97 -17.40 -18.88 -26.59
C LYS A 97 -16.00 -18.42 -26.18
N THR A 98 -15.77 -18.43 -24.87
CA THR A 98 -14.54 -17.93 -24.28
C THR A 98 -13.50 -19.04 -24.16
N ILE A 99 -12.23 -18.65 -24.22
CA ILE A 99 -11.12 -19.59 -24.17
C ILE A 99 -10.56 -19.59 -22.76
N PRO A 100 -10.72 -20.68 -21.99
CA PRO A 100 -10.22 -20.69 -20.63
C PRO A 100 -8.71 -20.80 -20.53
N ILE A 101 -8.20 -20.88 -19.30
CA ILE A 101 -6.78 -21.05 -19.03
C ILE A 101 -6.62 -22.15 -17.98
N ILE A 102 -5.54 -22.90 -18.10
CA ILE A 102 -5.19 -23.94 -17.12
C ILE A 102 -3.77 -23.72 -16.65
N TYR A 103 -3.51 -23.98 -15.37
CA TYR A 103 -2.17 -23.77 -14.84
C TYR A 103 -1.98 -24.59 -13.55
N LYS A 104 -0.73 -24.61 -13.07
CA LYS A 104 -0.37 -25.20 -11.79
C LYS A 104 0.93 -24.57 -11.31
N ASP A 105 1.09 -24.45 -9.98
CA ASP A 105 2.21 -23.70 -9.41
C ASP A 105 3.52 -24.48 -9.55
N PHE A 106 4.62 -23.76 -9.35
CA PHE A 106 5.95 -24.29 -9.60
C PHE A 106 6.98 -23.41 -8.92
N LEU A 107 7.63 -23.94 -7.89
CA LEU A 107 8.49 -23.17 -6.99
C LEU A 107 9.79 -23.91 -6.73
N LEU A 108 10.92 -23.21 -6.70
CA LEU A 108 12.14 -23.99 -6.51
C LEU A 108 12.83 -23.82 -5.17
N HIS A 109 13.56 -22.72 -5.01
CA HIS A 109 14.14 -22.25 -3.75
C HIS A 109 15.04 -21.08 -4.06
N TRP A 110 15.52 -20.37 -3.05
CA TRP A 110 16.52 -19.35 -3.31
C TRP A 110 17.92 -19.83 -3.05
N ARG A 111 18.07 -20.90 -2.27
CA ARG A 111 19.39 -21.40 -1.92
C ARG A 111 19.95 -22.30 -3.00
N ASP A 112 19.09 -23.09 -3.65
CA ASP A 112 19.57 -24.08 -4.60
C ASP A 112 20.21 -23.43 -5.81
N ILE A 113 19.67 -22.30 -6.27
CA ILE A 113 20.32 -21.59 -7.36
C ILE A 113 21.68 -21.09 -6.92
N GLU A 114 21.77 -20.58 -5.68
CA GLU A 114 23.05 -20.11 -5.18
C GLU A 114 24.06 -21.24 -5.13
N ALA A 115 23.61 -22.44 -4.75
CA ALA A 115 24.47 -23.61 -4.87
C ALA A 115 24.91 -23.79 -6.33
N ALA A 116 23.94 -23.82 -7.24
CA ALA A 116 24.25 -24.00 -8.65
C ALA A 116 25.11 -22.88 -9.21
N ARG A 117 25.40 -21.86 -8.42
CA ARG A 117 26.38 -20.88 -8.85
C ARG A 117 27.81 -21.32 -8.51
N THR A 118 28.08 -21.60 -7.23
CA THR A 118 29.38 -22.18 -6.83
C THR A 118 29.19 -23.34 -5.85
N HIS A 119 28.85 -24.52 -6.37
CA HIS A 119 28.63 -25.73 -5.60
C HIS A 119 28.35 -26.85 -6.59
N ASN A 120 27.71 -27.94 -6.16
CA ASN A 120 27.24 -28.96 -7.10
C ASN A 120 26.42 -28.33 -8.22
N MET A 121 27.00 -28.33 -9.42
CA MET A 121 26.47 -27.51 -10.50
C MET A 121 25.06 -27.88 -10.96
N PRO A 122 24.71 -29.15 -11.19
CA PRO A 122 23.40 -29.44 -11.78
C PRO A 122 22.27 -28.94 -10.89
N LEU A 123 21.24 -28.39 -11.52
CA LEU A 123 20.11 -27.81 -10.81
C LEU A 123 18.89 -28.68 -11.06
N ASP A 124 18.41 -29.32 -10.01
CA ASP A 124 17.25 -30.19 -10.14
C ASP A 124 16.01 -29.39 -10.49
N VAL A 125 15.21 -29.93 -11.42
CA VAL A 125 13.99 -29.26 -11.87
C VAL A 125 12.81 -30.22 -11.78
N SER A 126 12.86 -31.15 -10.83
CA SER A 126 11.81 -32.16 -10.72
C SER A 126 10.42 -31.54 -10.62
N ALA A 127 10.32 -30.40 -9.94
CA ALA A 127 9.03 -29.75 -9.79
C ALA A 127 8.41 -29.45 -11.14
N ALA A 128 9.24 -29.24 -12.18
CA ALA A 128 8.70 -28.96 -13.50
C ALA A 128 7.93 -30.15 -14.04
N ALA A 129 8.53 -31.33 -13.94
CA ALA A 129 7.82 -32.53 -14.37
C ALA A 129 6.54 -32.70 -13.57
N GLY A 130 6.60 -32.49 -12.26
CA GLY A 130 5.39 -32.65 -11.47
C GLY A 130 4.28 -31.69 -11.91
N ALA A 131 4.61 -30.42 -12.05
CA ALA A 131 3.62 -29.43 -12.42
C ALA A 131 3.05 -29.68 -13.80
N ALA A 132 3.92 -29.95 -14.77
CA ALA A 132 3.42 -30.17 -16.13
C ALA A 132 2.55 -31.41 -16.21
N ALA A 133 2.91 -32.47 -15.47
CA ALA A 133 2.06 -33.64 -15.47
C ALA A 133 0.68 -33.32 -14.90
N LEU A 134 0.64 -32.56 -13.81
CA LEU A 134 -0.67 -32.18 -13.26
C LEU A 134 -1.46 -31.33 -14.25
N CYS A 135 -0.77 -30.43 -14.94
CA CYS A 135 -1.47 -29.57 -15.91
C CYS A 135 -2.05 -30.40 -17.05
N ALA A 136 -1.30 -31.35 -17.57
CA ALA A 136 -1.81 -32.16 -18.67
C ALA A 136 -2.95 -33.06 -18.22
N GLN A 137 -2.87 -33.56 -16.98
CA GLN A 137 -4.01 -34.29 -16.45
C GLN A 137 -5.23 -33.40 -16.39
N GLN A 138 -5.03 -32.12 -16.06
CA GLN A 138 -6.15 -31.19 -16.07
C GLN A 138 -6.70 -30.99 -17.47
N GLU A 139 -5.81 -30.91 -18.48
CA GLU A 139 -6.25 -30.90 -19.86
C GLU A 139 -7.26 -32.01 -20.09
N ASP A 140 -6.77 -33.23 -19.99
CA ASP A 140 -7.57 -34.39 -20.34
C ASP A 140 -8.79 -34.52 -19.45
N GLU A 141 -8.80 -33.87 -18.29
CA GLU A 141 -10.03 -33.85 -17.52
C GLU A 141 -11.02 -32.85 -18.11
N LEU A 142 -10.51 -31.74 -18.65
CA LEU A 142 -11.38 -30.74 -19.25
C LEU A 142 -11.99 -31.26 -20.55
N ILE A 143 -11.15 -31.80 -21.44
CA ILE A 143 -11.66 -32.25 -22.74
C ILE A 143 -12.68 -33.36 -22.56
N PHE A 144 -12.45 -34.24 -21.60
CA PHE A 144 -13.34 -35.36 -21.40
C PHE A 144 -14.51 -35.04 -20.49
N TYR A 145 -14.57 -33.84 -19.92
CA TYR A 145 -15.64 -33.52 -18.99
C TYR A 145 -15.79 -32.01 -18.87
N GLY A 146 -17.02 -31.54 -18.95
CA GLY A 146 -17.30 -30.15 -18.71
C GLY A 146 -17.34 -29.85 -17.22
N ASP A 147 -17.52 -28.56 -16.91
CA ASP A 147 -17.58 -28.11 -15.54
C ASP A 147 -18.75 -27.14 -15.37
N ALA A 148 -19.42 -27.23 -14.22
CA ALA A 148 -20.61 -26.43 -14.00
C ALA A 148 -20.28 -24.94 -13.98
N ARG A 149 -19.17 -24.57 -13.36
CA ARG A 149 -18.91 -23.16 -13.08
C ARG A 149 -18.79 -22.35 -14.36
N LEU A 150 -18.08 -22.86 -15.35
CA LEU A 150 -17.95 -22.16 -16.62
C LEU A 150 -18.94 -22.65 -17.67
N GLY A 151 -19.68 -23.71 -17.40
CA GLY A 151 -20.70 -24.18 -18.32
C GLY A 151 -20.18 -24.58 -19.69
N TYR A 152 -19.14 -25.39 -19.74
CA TYR A 152 -18.60 -25.87 -21.00
C TYR A 152 -19.15 -27.25 -21.31
N GLU A 153 -18.64 -27.87 -22.38
CA GLU A 153 -19.12 -29.14 -22.86
C GLU A 153 -17.95 -30.09 -23.08
N GLY A 154 -18.25 -31.38 -23.06
CA GLY A 154 -17.22 -32.39 -23.16
C GLY A 154 -17.79 -33.70 -23.63
N LEU A 155 -16.88 -34.62 -23.95
CA LEU A 155 -17.25 -35.79 -24.75
C LEU A 155 -18.28 -36.64 -24.03
N MET A 156 -18.13 -36.87 -22.74
CA MET A 156 -19.13 -37.63 -22.01
C MET A 156 -20.22 -36.76 -21.41
N THR A 157 -20.27 -35.48 -21.73
CA THR A 157 -21.26 -34.60 -21.14
C THR A 157 -21.91 -33.70 -22.18
N ALA A 158 -21.99 -34.15 -23.43
CA ALA A 158 -22.71 -33.41 -24.45
C ALA A 158 -24.20 -33.68 -24.30
N ASN A 159 -25.00 -33.30 -25.29
CA ASN A 159 -26.42 -33.64 -25.30
C ASN A 159 -26.79 -34.26 -26.63
N GLY A 160 -27.47 -35.41 -26.57
CA GLY A 160 -27.72 -36.20 -27.75
C GLY A 160 -26.49 -36.97 -28.14
N ARG A 161 -26.04 -37.86 -27.25
CA ARG A 161 -24.77 -38.55 -27.45
C ARG A 161 -24.91 -39.88 -28.19
N LEU A 162 -26.12 -40.44 -28.29
CA LEU A 162 -26.34 -41.75 -28.90
C LEU A 162 -25.54 -42.83 -28.18
N THR A 163 -25.97 -43.11 -26.97
CA THR A 163 -25.31 -44.08 -26.11
C THR A 163 -25.81 -45.50 -26.41
N VAL A 164 -25.15 -46.48 -25.78
CA VAL A 164 -25.57 -47.89 -25.87
C VAL A 164 -24.98 -48.67 -24.69
N PRO A 165 -25.76 -49.53 -24.04
CA PRO A 165 -25.23 -50.30 -22.92
C PRO A 165 -24.21 -51.31 -23.39
N LEU A 166 -23.34 -51.73 -22.47
CA LEU A 166 -22.33 -52.75 -22.76
C LEU A 166 -22.53 -54.02 -21.95
N GLY A 167 -22.46 -53.95 -20.61
CA GLY A 167 -22.92 -54.99 -19.71
C GLY A 167 -22.61 -56.44 -20.01
N ASP A 168 -21.61 -56.72 -20.83
CA ASP A 168 -21.38 -58.10 -21.25
C ASP A 168 -19.90 -58.43 -21.28
N TRP A 169 -19.18 -58.07 -20.22
CA TRP A 169 -17.77 -58.36 -20.16
C TRP A 169 -17.55 -59.47 -19.14
N THR A 170 -16.28 -59.79 -18.86
CA THR A 170 -15.87 -61.07 -18.30
C THR A 170 -16.21 -62.23 -19.22
N SER A 171 -16.71 -61.92 -20.40
CA SER A 171 -17.03 -62.74 -21.56
C SER A 171 -15.77 -63.00 -22.36
N PRO A 172 -15.81 -63.99 -23.26
CA PRO A 172 -14.73 -64.09 -24.26
C PRO A 172 -14.42 -62.77 -24.93
N GLY A 173 -15.40 -62.17 -25.60
CA GLY A 173 -15.14 -60.93 -26.32
C GLY A 173 -16.28 -59.92 -26.39
N GLY A 174 -17.25 -60.04 -25.49
CA GLY A 174 -18.45 -59.20 -25.50
C GLY A 174 -18.22 -57.74 -25.83
N GLY A 175 -17.09 -57.20 -25.41
CA GLY A 175 -16.76 -55.85 -25.81
C GLY A 175 -16.75 -55.66 -27.30
N PHE A 176 -16.41 -56.70 -28.05
CA PHE A 176 -16.43 -56.60 -29.51
C PHE A 176 -17.84 -56.34 -30.02
N GLN A 177 -18.80 -57.16 -29.60
CA GLN A 177 -20.16 -56.93 -30.09
C GLN A 177 -20.72 -55.61 -29.57
N ALA A 178 -20.32 -55.19 -28.37
CA ALA A 178 -20.77 -53.90 -27.87
C ALA A 178 -20.25 -52.75 -28.73
N ILE A 179 -18.97 -52.78 -29.08
CA ILE A 179 -18.45 -51.71 -29.92
C ILE A 179 -19.04 -51.79 -31.32
N VAL A 180 -19.37 -52.99 -31.79
CA VAL A 180 -20.04 -53.09 -33.08
C VAL A 180 -21.41 -52.44 -33.03
N GLU A 181 -22.17 -52.68 -31.94
CA GLU A 181 -23.45 -52.02 -31.79
C GLU A 181 -23.29 -50.51 -31.78
N ALA A 182 -22.29 -50.02 -31.07
CA ALA A 182 -22.06 -48.57 -31.03
C ALA A 182 -21.76 -48.03 -32.41
N THR A 183 -20.91 -48.72 -33.17
CA THR A 183 -20.58 -48.27 -34.52
C THR A 183 -21.81 -48.29 -35.41
N ARG A 184 -22.64 -49.31 -35.26
CA ARG A 184 -23.87 -49.38 -36.07
C ARG A 184 -24.80 -48.23 -35.72
N LYS A 185 -24.86 -47.84 -34.46
CA LYS A 185 -25.66 -46.69 -34.08
C LYS A 185 -25.08 -45.41 -34.66
N LEU A 186 -23.76 -45.31 -34.73
CA LEU A 186 -23.15 -44.19 -35.44
C LEU A 186 -23.57 -44.19 -36.90
N ASN A 187 -23.60 -45.36 -37.52
CA ASN A 187 -23.92 -45.45 -38.94
C ASN A 187 -25.37 -45.13 -39.23
N GLU A 188 -26.28 -45.54 -38.33
CA GLU A 188 -27.69 -45.25 -38.54
C GLU A 188 -27.94 -43.76 -38.61
N GLN A 189 -27.24 -42.99 -37.79
CA GLN A 189 -27.32 -41.54 -37.88
C GLN A 189 -26.63 -41.01 -39.07
N GLY A 190 -26.22 -41.86 -40.00
CA GLY A 190 -25.60 -41.39 -41.21
C GLY A 190 -24.31 -40.67 -40.95
N HIS A 191 -23.45 -41.25 -40.11
CA HIS A 191 -22.18 -40.62 -39.80
C HIS A 191 -21.17 -41.72 -39.50
N PHE A 192 -20.14 -41.81 -40.34
CA PHE A 192 -19.15 -42.87 -40.24
C PHE A 192 -17.87 -42.39 -40.92
N GLY A 193 -16.80 -43.15 -40.71
CA GLY A 193 -15.52 -42.79 -41.24
C GLY A 193 -14.41 -43.54 -40.52
N PRO A 194 -13.24 -42.95 -40.42
CA PRO A 194 -12.20 -43.55 -39.60
C PRO A 194 -12.52 -43.38 -38.13
N TYR A 195 -12.93 -44.46 -37.47
CA TYR A 195 -13.37 -44.37 -36.08
C TYR A 195 -12.17 -44.27 -35.14
N ALA A 196 -12.44 -43.97 -33.88
CA ALA A 196 -11.43 -43.99 -32.85
C ALA A 196 -12.11 -44.35 -31.53
N VAL A 197 -11.34 -44.87 -30.58
CA VAL A 197 -11.89 -45.38 -29.34
C VAL A 197 -11.01 -44.94 -28.18
N VAL A 198 -11.62 -44.56 -27.07
CA VAL A 198 -10.92 -44.27 -25.82
C VAL A 198 -11.65 -44.98 -24.69
N LEU A 199 -10.90 -45.61 -23.80
CA LEU A 199 -11.49 -46.52 -22.83
C LEU A 199 -10.81 -46.33 -21.47
N SER A 200 -11.47 -46.85 -20.43
CA SER A 200 -11.11 -46.76 -19.02
C SER A 200 -10.18 -47.89 -18.61
N PRO A 201 -9.42 -47.71 -17.53
CA PRO A 201 -8.42 -48.71 -17.12
C PRO A 201 -8.88 -50.15 -17.04
N ARG A 202 -9.85 -50.44 -16.18
CA ARG A 202 -10.22 -51.84 -15.98
C ARG A 202 -10.75 -52.46 -17.25
N LEU A 203 -11.51 -51.70 -18.03
CA LEU A 203 -11.98 -52.20 -19.31
C LEU A 203 -10.81 -52.43 -20.26
N TYR A 204 -9.90 -51.47 -20.36
CA TYR A 204 -8.78 -51.61 -21.27
C TYR A 204 -7.87 -52.78 -20.90
N SER A 205 -7.88 -53.20 -19.65
CA SER A 205 -7.09 -54.38 -19.31
C SER A 205 -7.89 -55.66 -19.54
N GLN A 206 -9.15 -55.69 -19.11
CA GLN A 206 -9.96 -56.88 -19.26
C GLN A 206 -10.18 -57.22 -20.72
N LEU A 207 -10.22 -56.22 -21.59
CA LEU A 207 -10.34 -56.47 -23.01
C LEU A 207 -9.02 -56.90 -23.61
N HIS A 208 -7.91 -56.64 -22.94
CA HIS A 208 -6.57 -56.98 -23.40
C HIS A 208 -6.23 -58.42 -23.04
N ARG A 209 -7.27 -59.22 -22.81
CA ARG A 209 -7.19 -60.51 -22.13
C ARG A 209 -6.91 -61.62 -23.14
N ILE A 210 -7.16 -62.86 -22.72
CA ILE A 210 -7.04 -64.02 -23.59
C ILE A 210 -7.74 -63.76 -24.90
N TYR A 211 -7.18 -64.29 -25.97
CA TYR A 211 -7.76 -64.22 -27.30
C TYR A 211 -9.22 -64.68 -27.29
N GLU A 212 -9.97 -64.28 -28.31
CA GLU A 212 -11.41 -64.48 -28.35
C GLU A 212 -11.78 -65.81 -28.99
N LYS A 213 -10.95 -66.84 -28.80
CA LYS A 213 -11.10 -68.17 -29.41
C LYS A 213 -11.30 -68.08 -30.92
N THR A 214 -11.02 -66.92 -31.49
CA THR A 214 -11.16 -66.68 -32.92
C THR A 214 -9.97 -65.89 -33.42
N GLY A 215 -8.77 -66.26 -32.97
CA GLY A 215 -7.58 -65.54 -33.37
C GLY A 215 -6.69 -65.16 -32.22
N VAL A 216 -6.53 -63.85 -32.00
CA VAL A 216 -5.53 -63.31 -31.09
C VAL A 216 -6.21 -62.38 -30.09
N LEU A 217 -5.40 -61.66 -29.31
CA LEU A 217 -5.91 -60.71 -28.35
C LEU A 217 -6.90 -59.75 -28.98
N GLU A 218 -7.95 -59.41 -28.23
CA GLU A 218 -9.03 -58.61 -28.77
C GLU A 218 -8.56 -57.26 -29.27
N ILE A 219 -7.45 -56.75 -28.74
CA ILE A 219 -6.96 -55.44 -29.14
C ILE A 219 -6.70 -55.41 -30.64
N GLU A 220 -6.16 -56.49 -31.20
CA GLU A 220 -5.86 -56.47 -32.62
C GLU A 220 -7.11 -56.42 -33.47
N THR A 221 -8.15 -57.17 -33.10
CA THR A 221 -9.41 -57.06 -33.81
C THR A 221 -9.98 -55.65 -33.69
N ILE A 222 -9.97 -55.10 -32.48
CA ILE A 222 -10.54 -53.78 -32.27
C ILE A 222 -9.77 -52.74 -33.05
N ARG A 223 -8.46 -52.92 -33.20
CA ARG A 223 -7.68 -51.93 -33.95
C ARG A 223 -7.91 -52.08 -35.44
N GLN A 224 -8.04 -53.31 -35.94
CA GLN A 224 -8.37 -53.48 -37.35
C GLN A 224 -9.78 -52.98 -37.64
N LEU A 225 -10.61 -52.83 -36.62
CA LEU A 225 -11.95 -52.28 -36.77
C LEU A 225 -11.96 -50.75 -36.67
N ALA A 226 -11.52 -50.21 -35.53
CA ALA A 226 -11.55 -48.78 -35.29
C ALA A 226 -10.62 -48.04 -36.23
N SER A 227 -9.47 -48.62 -36.56
CA SER A 227 -8.57 -48.13 -37.58
C SER A 227 -7.97 -46.77 -37.28
N ASP A 228 -8.09 -46.28 -36.04
CA ASP A 228 -7.30 -45.12 -35.68
C ASP A 228 -6.77 -45.22 -34.26
N GLY A 229 -6.60 -46.45 -33.77
CA GLY A 229 -5.95 -46.67 -32.49
C GLY A 229 -6.88 -46.62 -31.30
N VAL A 230 -6.80 -47.61 -30.43
CA VAL A 230 -7.48 -47.57 -29.15
C VAL A 230 -6.52 -47.00 -28.13
N TYR A 231 -6.99 -46.05 -27.34
CA TYR A 231 -6.12 -45.33 -26.41
C TYR A 231 -6.65 -45.43 -24.99
N GLN A 232 -5.76 -45.17 -24.05
CA GLN A 232 -6.01 -45.28 -22.63
C GLN A 232 -6.03 -43.90 -21.99
N SER A 233 -6.90 -43.73 -21.00
CA SER A 233 -6.92 -42.48 -20.25
C SER A 233 -7.28 -42.76 -18.80
N ASN A 234 -6.35 -42.47 -17.90
CA ASN A 234 -6.62 -42.65 -16.48
C ASN A 234 -7.75 -41.74 -16.03
N ARG A 235 -7.78 -40.52 -16.53
CA ARG A 235 -8.64 -39.48 -16.00
C ARG A 235 -10.11 -39.75 -16.27
N LEU A 236 -10.42 -40.64 -17.21
CA LEU A 236 -11.79 -41.01 -17.46
C LEU A 236 -12.32 -41.84 -16.28
N ARG A 237 -13.65 -41.92 -16.18
CA ARG A 237 -14.28 -42.59 -15.06
C ARG A 237 -14.00 -44.10 -15.12
N GLY A 238 -14.58 -44.83 -14.16
CA GLY A 238 -14.23 -46.22 -13.99
C GLY A 238 -14.66 -47.11 -15.15
N GLU A 239 -15.90 -46.95 -15.62
CA GLU A 239 -16.52 -47.96 -16.48
C GLU A 239 -17.21 -47.33 -17.68
N SER A 240 -16.50 -46.47 -18.41
CA SER A 240 -17.10 -45.87 -19.60
C SER A 240 -16.07 -45.77 -20.71
N GLY A 241 -16.57 -45.54 -21.91
CA GLY A 241 -15.71 -45.40 -23.07
C GLY A 241 -16.47 -44.75 -24.20
N VAL A 242 -15.71 -44.26 -25.18
CA VAL A 242 -16.28 -43.47 -26.26
C VAL A 242 -15.76 -43.95 -27.60
N VAL A 243 -16.50 -43.57 -28.64
CA VAL A 243 -16.07 -43.75 -30.02
C VAL A 243 -16.41 -42.47 -30.77
N VAL A 244 -15.51 -42.04 -31.66
CA VAL A 244 -15.69 -40.81 -32.40
C VAL A 244 -15.41 -41.07 -33.86
N SER A 245 -15.64 -40.05 -34.68
CA SER A 245 -15.25 -40.04 -36.08
C SER A 245 -14.20 -38.96 -36.24
N THR A 246 -12.93 -39.37 -36.13
CA THR A 246 -11.83 -38.44 -35.92
C THR A 246 -11.80 -37.30 -36.92
N GLY A 247 -12.53 -37.39 -38.02
CA GLY A 247 -12.39 -36.39 -39.06
C GLY A 247 -12.73 -35.00 -38.56
N ARG A 248 -12.01 -34.02 -39.09
CA ARG A 248 -12.29 -32.62 -38.80
C ARG A 248 -13.71 -32.30 -39.29
N GLU A 249 -14.22 -31.14 -38.88
CA GLU A 249 -15.60 -30.74 -39.09
C GLU A 249 -16.57 -31.64 -38.35
N ASN A 250 -16.08 -32.42 -37.40
CA ASN A 250 -16.93 -33.12 -36.45
C ASN A 250 -16.48 -32.83 -35.03
N MET A 251 -15.18 -32.73 -34.79
CA MET A 251 -14.62 -32.26 -33.53
C MET A 251 -13.37 -31.47 -33.85
N ASP A 252 -13.00 -30.57 -32.95
CA ASP A 252 -11.86 -29.71 -33.20
C ASP A 252 -11.29 -29.23 -31.88
N LEU A 253 -10.07 -28.70 -31.93
CA LEU A 253 -9.40 -28.19 -30.74
C LEU A 253 -8.77 -26.86 -31.06
N ALA A 254 -9.01 -25.86 -30.21
CA ALA A 254 -8.54 -24.50 -30.46
C ALA A 254 -7.48 -24.13 -29.44
N VAL A 255 -6.34 -23.66 -29.94
CA VAL A 255 -5.22 -23.26 -29.10
C VAL A 255 -4.97 -21.77 -29.27
N SER A 256 -4.80 -21.07 -28.15
CA SER A 256 -4.36 -19.69 -28.17
C SER A 256 -2.86 -19.58 -28.03
N MET A 257 -2.30 -20.18 -26.99
CA MET A 257 -0.88 -20.45 -26.92
C MET A 257 -0.71 -21.87 -26.41
N ASP A 258 0.46 -22.43 -26.68
CA ASP A 258 0.73 -23.81 -26.33
C ASP A 258 1.47 -23.87 -24.99
N MET A 259 1.50 -25.07 -24.41
CA MET A 259 2.08 -25.30 -23.10
C MET A 259 3.47 -24.68 -22.98
N VAL A 260 3.61 -23.73 -22.07
CA VAL A 260 4.89 -23.06 -21.84
C VAL A 260 4.94 -22.62 -20.38
N ALA A 261 6.14 -22.37 -19.89
CA ALA A 261 6.38 -22.01 -18.50
C ALA A 261 6.88 -20.58 -18.42
N ALA A 262 6.28 -19.79 -17.55
CA ALA A 262 6.64 -18.38 -17.42
C ALA A 262 6.93 -18.06 -15.96
N TYR A 263 7.92 -17.18 -15.76
CA TYR A 263 8.24 -16.69 -14.44
C TYR A 263 7.06 -15.92 -13.87
N LEU A 264 6.72 -16.19 -12.61
CA LEU A 264 5.55 -15.56 -12.01
C LEU A 264 5.93 -14.34 -11.17
N GLY A 265 6.74 -14.53 -10.13
CA GLY A 265 7.00 -13.45 -9.22
C GLY A 265 8.21 -13.72 -8.36
N ALA A 266 8.36 -12.90 -7.32
CA ALA A 266 9.55 -12.84 -6.49
C ALA A 266 9.19 -13.02 -5.03
N SER A 267 8.50 -14.10 -4.72
CA SER A 267 7.91 -14.33 -3.41
C SER A 267 9.00 -14.46 -2.36
N ARG A 268 8.60 -14.85 -1.14
CA ARG A 268 9.28 -14.53 0.11
C ARG A 268 10.78 -14.41 -0.04
N MET A 269 11.44 -15.47 -0.50
CA MET A 269 12.78 -15.32 -1.04
C MET A 269 12.98 -16.15 -2.29
N ASN A 270 12.09 -17.10 -2.56
CA ASN A 270 12.24 -18.09 -3.61
C ASN A 270 11.79 -17.50 -4.94
N HIS A 271 11.52 -18.34 -5.94
CA HIS A 271 11.08 -17.87 -7.25
C HIS A 271 10.04 -18.80 -7.85
N PRO A 272 8.76 -18.62 -7.48
CA PRO A 272 7.73 -19.49 -8.03
C PRO A 272 7.46 -19.18 -9.49
N PHE A 273 7.29 -20.22 -10.30
CA PHE A 273 6.91 -20.06 -11.69
C PHE A 273 5.51 -20.61 -11.91
N ARG A 274 5.08 -20.60 -13.18
CA ARG A 274 3.76 -21.08 -13.54
C ARG A 274 3.77 -21.47 -15.01
N VAL A 275 3.01 -22.52 -15.34
CA VAL A 275 2.91 -23.05 -16.68
C VAL A 275 1.52 -22.76 -17.24
N LEU A 276 1.46 -22.34 -18.50
CA LEU A 276 0.23 -21.84 -19.09
C LEU A 276 -0.09 -22.60 -20.36
N GLU A 277 -1.38 -22.60 -20.70
CA GLU A 277 -1.86 -22.99 -22.02
C GLU A 277 -3.36 -22.71 -22.08
N ALA A 278 -3.84 -22.29 -23.25
CA ALA A 278 -5.23 -21.91 -23.45
C ALA A 278 -5.85 -22.81 -24.50
N LEU A 279 -6.88 -23.55 -24.12
CA LEU A 279 -7.46 -24.59 -24.96
C LEU A 279 -8.98 -24.54 -24.94
N LEU A 280 -9.57 -25.14 -25.96
CA LEU A 280 -11.01 -25.30 -26.03
C LEU A 280 -11.32 -26.29 -27.14
N LEU A 281 -12.20 -27.25 -26.85
CA LEU A 281 -12.67 -28.18 -27.86
C LEU A 281 -14.00 -27.67 -28.40
N ARG A 282 -14.29 -27.99 -29.64
CA ARG A 282 -15.52 -27.57 -30.30
C ARG A 282 -16.18 -28.81 -30.88
N ILE A 283 -17.20 -29.32 -30.20
CA ILE A 283 -17.92 -30.49 -30.69
C ILE A 283 -18.98 -29.96 -31.65
N LYS A 284 -18.54 -29.69 -32.88
CA LYS A 284 -19.43 -29.10 -33.87
C LYS A 284 -20.63 -30.00 -34.12
N HIS A 285 -20.38 -31.30 -34.23
CA HIS A 285 -21.39 -32.25 -34.67
C HIS A 285 -21.59 -33.28 -33.56
N PRO A 286 -22.51 -33.07 -32.66
CA PRO A 286 -22.71 -34.00 -31.55
C PRO A 286 -23.42 -35.28 -31.97
N ASP A 287 -22.99 -35.85 -33.08
CA ASP A 287 -23.47 -37.13 -33.57
C ASP A 287 -22.37 -38.17 -33.61
N ALA A 288 -21.14 -37.79 -33.29
CA ALA A 288 -19.97 -38.66 -33.30
C ALA A 288 -19.63 -39.14 -31.90
N ILE A 289 -20.63 -39.46 -31.09
CA ILE A 289 -20.43 -39.80 -29.70
C ILE A 289 -21.06 -41.15 -29.41
N CYS A 290 -20.51 -41.85 -28.42
CA CYS A 290 -21.20 -42.93 -27.74
C CYS A 290 -20.51 -43.18 -26.41
N THR A 291 -21.27 -43.68 -25.44
CA THR A 291 -20.78 -43.88 -24.07
C THR A 291 -21.33 -45.22 -23.57
N LEU A 292 -21.33 -45.41 -22.25
CA LEU A 292 -22.03 -46.53 -21.65
C LEU A 292 -23.48 -46.56 -22.12
N GLU B 23 9.72 -1.12 -14.08
CA GLU B 23 9.25 -2.14 -15.01
C GLU B 23 7.83 -1.84 -15.47
N ASN B 24 7.70 -0.96 -16.45
CA ASN B 24 6.38 -0.55 -16.93
C ASN B 24 5.86 -1.56 -17.94
N PRO B 25 4.69 -2.16 -17.71
CA PRO B 25 4.09 -2.99 -18.75
C PRO B 25 3.73 -2.25 -20.01
N LEU B 26 3.34 -0.99 -19.91
CA LEU B 26 2.74 -0.26 -21.01
C LEU B 26 3.77 0.64 -21.67
N ARG B 27 3.66 0.84 -22.98
CA ARG B 27 4.55 1.77 -23.63
C ARG B 27 4.04 3.20 -23.49
N GLU B 28 4.72 4.12 -24.18
CA GLU B 28 4.54 5.54 -23.92
C GLU B 28 3.13 6.01 -24.27
N GLU B 29 2.65 5.65 -25.45
CA GLU B 29 1.37 6.18 -25.89
C GLU B 29 0.24 5.73 -24.97
N GLU B 30 0.24 4.47 -24.58
CA GLU B 30 -0.81 3.96 -23.71
C GLU B 30 -0.75 4.62 -22.34
N TRP B 31 0.46 4.80 -21.83
CA TRP B 31 0.66 5.50 -20.57
C TRP B 31 0.09 6.91 -20.65
N ALA B 32 0.39 7.60 -21.74
CA ALA B 32 -0.10 8.97 -21.91
C ALA B 32 -1.62 9.00 -21.98
N ARG B 33 -2.23 8.05 -22.68
CA ARG B 33 -3.68 8.02 -22.74
C ARG B 33 -4.28 7.81 -21.35
N LEU B 34 -3.68 6.93 -20.56
CA LEU B 34 -4.18 6.71 -19.21
C LEU B 34 -4.10 7.99 -18.37
N ASN B 35 -2.96 8.66 -18.42
CA ASN B 35 -2.82 9.90 -17.66
C ASN B 35 -3.80 10.96 -18.12
N GLU B 36 -3.98 11.09 -19.43
CA GLU B 36 -4.92 12.08 -19.93
C GLU B 36 -6.32 11.79 -19.43
N THR B 37 -6.72 10.52 -19.42
CA THR B 37 -8.06 10.19 -18.97
C THR B 37 -8.25 10.57 -17.50
N VAL B 38 -7.29 10.18 -16.65
CA VAL B 38 -7.49 10.46 -15.23
C VAL B 38 -7.51 11.97 -14.98
N ILE B 39 -6.62 12.70 -15.65
CA ILE B 39 -6.60 14.15 -15.50
C ILE B 39 -7.92 14.77 -15.94
N GLN B 40 -8.45 14.32 -17.07
CA GLN B 40 -9.68 14.91 -17.58
C GLN B 40 -10.84 14.69 -16.63
N VAL B 41 -10.99 13.46 -16.13
CA VAL B 41 -12.12 13.21 -15.24
C VAL B 41 -11.97 14.02 -13.96
N ALA B 42 -10.75 14.11 -13.44
CA ALA B 42 -10.54 14.92 -12.25
C ALA B 42 -10.93 16.36 -12.50
N ARG B 43 -10.41 16.96 -13.57
CA ARG B 43 -10.68 18.36 -13.84
C ARG B 43 -12.17 18.62 -13.98
N ARG B 44 -12.88 17.72 -14.67
CA ARG B 44 -14.31 17.93 -14.83
C ARG B 44 -15.04 17.84 -13.50
N SER B 45 -14.66 16.90 -12.64
CA SER B 45 -15.51 16.60 -11.48
C SER B 45 -15.11 17.34 -10.21
N LEU B 46 -14.11 18.20 -10.25
CA LEU B 46 -13.62 18.87 -9.04
C LEU B 46 -14.24 20.26 -8.93
N VAL B 47 -14.79 20.57 -7.76
CA VAL B 47 -15.30 21.89 -7.49
C VAL B 47 -14.48 22.64 -6.44
N GLY B 48 -13.94 21.94 -5.44
CA GLY B 48 -13.20 22.62 -4.39
C GLY B 48 -11.99 23.37 -4.91
N ARG B 49 -11.22 22.73 -5.77
CA ARG B 49 -10.04 23.42 -6.25
C ARG B 49 -10.34 24.56 -7.19
N ARG B 50 -11.60 24.95 -7.35
CA ARG B 50 -11.94 26.15 -8.09
C ARG B 50 -12.24 27.33 -7.20
N ILE B 51 -12.18 27.16 -5.89
CA ILE B 51 -12.57 28.22 -4.98
C ILE B 51 -11.43 28.46 -3.99
N LEU B 52 -10.44 27.58 -4.00
CA LEU B 52 -9.28 27.67 -3.13
C LEU B 52 -8.01 27.84 -3.95
N ASP B 53 -6.96 28.32 -3.29
CA ASP B 53 -5.67 28.51 -3.94
C ASP B 53 -4.63 27.59 -3.30
N ILE B 54 -3.73 27.07 -4.12
CA ILE B 54 -2.84 26.00 -3.69
C ILE B 54 -1.54 26.57 -3.15
N TYR B 55 -1.03 25.94 -2.08
CA TYR B 55 0.34 26.14 -1.68
C TYR B 55 1.21 25.21 -2.52
N GLY B 56 2.27 25.76 -3.10
CA GLY B 56 2.99 25.15 -4.19
C GLY B 56 3.34 23.69 -3.99
N PRO B 57 3.58 22.97 -5.09
CA PRO B 57 3.87 21.53 -4.98
C PRO B 57 5.15 21.32 -4.21
N LEU B 58 5.03 20.79 -3.00
CA LEU B 58 6.15 20.73 -2.08
C LEU B 58 7.10 19.57 -2.35
N GLY B 59 6.77 18.71 -3.30
CA GLY B 59 7.47 17.46 -3.45
C GLY B 59 6.82 16.36 -2.63
N ALA B 60 7.15 15.12 -2.97
CA ALA B 60 6.53 13.99 -2.30
C ALA B 60 7.10 13.78 -0.90
N GLY B 61 8.34 14.22 -0.67
CA GLY B 61 9.01 13.89 0.57
C GLY B 61 8.35 14.50 1.79
N VAL B 62 8.12 15.81 1.76
CA VAL B 62 7.60 16.48 2.93
C VAL B 62 6.21 15.94 3.23
N GLN B 63 5.91 15.83 4.51
CA GLN B 63 4.62 15.30 4.91
C GLN B 63 4.06 16.01 6.14
N THR B 64 4.54 17.22 6.42
CA THR B 64 4.03 18.04 7.51
C THR B 64 4.01 19.50 7.09
N VAL B 65 3.09 20.26 7.67
CA VAL B 65 3.01 21.71 7.39
C VAL B 65 2.60 22.45 8.66
N PRO B 66 3.01 23.72 8.76
CA PRO B 66 2.50 24.57 9.84
C PRO B 66 1.06 24.95 9.57
N TYR B 67 0.37 25.49 10.56
CA TYR B 67 -1.09 25.54 10.43
C TYR B 67 -1.70 26.94 10.40
N ASP B 68 -1.62 27.77 11.44
CA ASP B 68 -2.59 28.87 11.47
C ASP B 68 -2.09 30.14 12.16
N GLU B 69 -2.95 31.17 12.10
CA GLU B 69 -2.84 32.43 12.82
C GLU B 69 -4.20 33.11 12.81
N PHE B 70 -4.66 33.58 13.97
CA PHE B 70 -6.04 34.05 14.04
C PHE B 70 -6.37 34.65 15.40
N GLN B 71 -7.29 35.62 15.37
CA GLN B 71 -7.59 36.57 16.44
C GLN B 71 -6.37 37.02 17.23
N GLY B 72 -5.28 37.30 16.52
CA GLY B 72 -4.22 38.08 17.12
C GLY B 72 -4.59 39.56 17.03
N VAL B 73 -5.67 39.93 17.72
CA VAL B 73 -6.23 41.27 17.57
C VAL B 73 -5.24 42.30 18.07
N SER B 74 -4.73 43.12 17.15
CA SER B 74 -3.84 44.23 17.48
C SER B 74 -4.42 45.49 16.84
N PRO B 75 -5.33 46.16 17.54
CA PRO B 75 -6.05 47.31 16.98
C PRO B 75 -5.20 48.23 16.12
N GLY B 76 -3.93 48.40 16.47
CA GLY B 76 -3.07 49.21 15.58
C GLY B 76 -2.48 50.40 16.29
N ALA B 77 -1.58 51.15 15.65
CA ALA B 77 -0.89 52.28 16.36
C ALA B 77 -0.80 53.55 15.52
N VAL B 78 -0.86 54.73 16.16
CA VAL B 78 -0.81 56.05 15.44
C VAL B 78 0.53 56.72 15.70
N ASP B 79 0.70 57.42 16.82
CA ASP B 79 2.01 58.01 17.24
C ASP B 79 2.60 59.00 16.24
N ILE B 80 3.13 60.12 16.74
CA ILE B 80 3.78 61.13 15.86
C ILE B 80 5.27 60.84 15.86
N VAL B 81 6.00 61.29 14.83
CA VAL B 81 7.46 60.98 14.68
C VAL B 81 8.01 60.18 15.87
N GLY B 82 7.55 58.95 16.04
CA GLY B 82 8.01 58.15 17.18
C GLY B 82 7.45 56.75 17.06
N GLU B 83 7.00 56.17 18.17
CA GLU B 83 6.32 54.86 18.06
C GLU B 83 5.95 54.29 19.43
N GLN B 84 4.72 53.78 19.55
CA GLN B 84 4.32 53.11 20.77
C GLN B 84 4.77 51.65 20.72
N GLU B 85 4.23 50.79 21.58
CA GLU B 85 4.74 49.44 21.77
C GLU B 85 3.61 48.41 21.66
N THR B 86 2.86 48.46 20.58
CA THR B 86 1.84 47.46 20.33
C THR B 86 2.46 46.07 20.21
N ALA B 87 1.61 45.05 20.24
CA ALA B 87 2.05 43.66 20.21
C ALA B 87 2.05 43.14 18.77
N MET B 88 3.18 42.60 18.33
CA MET B 88 3.29 42.11 16.96
C MET B 88 2.32 40.97 16.73
N VAL B 89 1.85 40.85 15.50
CA VAL B 89 0.94 39.78 15.10
C VAL B 89 1.75 38.56 14.70
N PHE B 90 1.33 37.40 15.18
CA PHE B 90 2.03 36.16 14.95
C PHE B 90 1.05 35.02 15.21
N THR B 91 1.44 33.82 14.80
CA THR B 91 0.67 32.61 15.06
C THR B 91 0.15 32.59 16.49
N ASP B 92 -1.11 32.20 16.63
CA ASP B 92 -1.70 32.09 17.96
C ASP B 92 -0.94 31.07 18.81
N ALA B 93 -0.62 29.91 18.23
CA ALA B 93 0.15 28.89 18.94
C ALA B 93 0.75 27.97 17.88
N ARG B 94 2.07 28.01 17.74
CA ARG B 94 2.73 27.25 16.67
C ARG B 94 2.50 25.76 16.85
N LYS B 95 1.92 25.13 15.83
CA LYS B 95 1.72 23.69 15.85
C LYS B 95 1.54 23.21 14.42
N PHE B 96 1.68 21.90 14.23
CA PHE B 96 1.75 21.33 12.91
C PHE B 96 0.60 20.36 12.66
N LYS B 97 0.52 19.91 11.41
CA LYS B 97 -0.42 18.87 10.99
C LYS B 97 0.27 18.00 9.96
N THR B 98 -0.27 16.80 9.75
CA THR B 98 0.32 15.83 8.85
C THR B 98 -0.59 15.59 7.64
N ILE B 99 0.04 15.52 6.48
CA ILE B 99 -0.67 15.51 5.20
C ILE B 99 -1.18 14.12 4.88
N PRO B 100 -2.48 13.91 4.81
CA PRO B 100 -3.00 12.57 4.55
C PRO B 100 -2.74 12.15 3.12
N ILE B 101 -3.12 10.92 2.81
CA ILE B 101 -2.99 10.35 1.47
C ILE B 101 -4.32 9.69 1.12
N ILE B 102 -4.77 9.91 -0.11
CA ILE B 102 -6.02 9.36 -0.59
C ILE B 102 -5.80 8.74 -1.96
N TYR B 103 -6.35 7.56 -2.16
CA TYR B 103 -5.87 6.68 -3.22
C TYR B 103 -6.97 5.73 -3.64
N LYS B 104 -6.89 5.29 -4.90
CA LYS B 104 -7.76 4.27 -5.44
C LYS B 104 -6.94 3.35 -6.32
N ASP B 105 -7.45 2.13 -6.49
CA ASP B 105 -6.72 1.06 -7.15
C ASP B 105 -7.63 0.34 -8.15
N PHE B 106 -7.16 0.20 -9.38
CA PHE B 106 -7.88 -0.54 -10.41
C PHE B 106 -6.99 -1.67 -10.91
N LEU B 107 -7.53 -2.49 -11.80
CA LEU B 107 -6.87 -3.73 -12.20
C LEU B 107 -6.92 -3.89 -13.72
N LEU B 108 -5.92 -4.58 -14.26
CA LEU B 108 -5.90 -4.94 -15.67
C LEU B 108 -5.65 -6.43 -15.81
N HIS B 109 -5.66 -6.89 -17.06
CA HIS B 109 -5.41 -8.29 -17.40
C HIS B 109 -4.35 -8.36 -18.47
N TRP B 110 -3.54 -9.41 -18.44
CA TRP B 110 -2.42 -9.47 -19.38
C TRP B 110 -2.87 -9.79 -20.78
N ARG B 111 -3.86 -10.67 -20.92
CA ARG B 111 -4.33 -11.02 -22.26
C ARG B 111 -4.91 -9.81 -22.97
N ASP B 112 -5.63 -8.95 -22.23
CA ASP B 112 -6.17 -7.75 -22.85
C ASP B 112 -5.06 -6.86 -23.37
N ILE B 113 -3.97 -6.74 -22.60
CA ILE B 113 -2.86 -5.92 -23.05
C ILE B 113 -2.23 -6.52 -24.31
N GLU B 114 -2.07 -7.84 -24.35
CA GLU B 114 -1.53 -8.45 -25.55
C GLU B 114 -2.44 -8.23 -26.75
N ALA B 115 -3.75 -8.36 -26.54
CA ALA B 115 -4.70 -8.13 -27.61
C ALA B 115 -4.57 -6.72 -28.13
N ALA B 116 -4.68 -5.73 -27.25
CA ALA B 116 -4.54 -4.36 -27.68
C ALA B 116 -3.19 -4.09 -28.31
N ARG B 117 -2.19 -4.90 -27.98
CA ARG B 117 -0.91 -4.73 -28.64
C ARG B 117 -0.97 -5.22 -30.08
N THR B 118 -1.70 -6.30 -30.34
CA THR B 118 -1.75 -6.84 -31.70
C THR B 118 -3.12 -6.78 -32.35
N HIS B 119 -4.15 -7.39 -31.77
CA HIS B 119 -5.31 -7.73 -32.58
C HIS B 119 -6.25 -6.55 -32.71
N ASN B 120 -6.83 -6.09 -31.60
CA ASN B 120 -7.83 -5.01 -31.58
C ASN B 120 -7.36 -3.88 -30.68
N MET B 121 -7.23 -2.66 -31.23
CA MET B 121 -6.32 -1.70 -30.62
C MET B 121 -6.91 -0.43 -29.98
N PRO B 122 -7.96 -0.48 -29.16
CA PRO B 122 -8.28 0.71 -28.37
C PRO B 122 -7.65 0.77 -26.98
N LEU B 123 -7.44 -0.38 -26.33
CA LEU B 123 -7.01 -0.45 -24.94
C LEU B 123 -7.95 0.34 -24.02
N ASP B 124 -9.14 -0.24 -23.81
CA ASP B 124 -10.11 0.30 -22.86
C ASP B 124 -9.44 0.79 -21.59
N VAL B 125 -9.90 1.95 -21.11
CA VAL B 125 -9.38 2.57 -19.91
C VAL B 125 -10.52 2.95 -18.97
N SER B 126 -11.61 2.18 -19.00
CA SER B 126 -12.76 2.51 -18.18
C SER B 126 -12.44 2.44 -16.69
N ALA B 127 -11.68 1.44 -16.28
CA ALA B 127 -11.41 1.27 -14.85
C ALA B 127 -10.69 2.48 -14.29
N ALA B 128 -9.76 3.05 -15.06
CA ALA B 128 -9.06 4.24 -14.59
C ALA B 128 -10.04 5.38 -14.36
N ALA B 129 -10.98 5.56 -15.27
CA ALA B 129 -11.95 6.64 -15.09
C ALA B 129 -12.80 6.42 -13.85
N GLY B 130 -13.21 5.18 -13.61
CA GLY B 130 -13.95 4.91 -12.38
C GLY B 130 -13.14 5.23 -11.14
N ALA B 131 -11.87 4.83 -11.14
CA ALA B 131 -11.00 5.12 -10.00
C ALA B 131 -10.85 6.63 -9.81
N ALA B 132 -10.64 7.37 -10.90
CA ALA B 132 -10.44 8.80 -10.80
C ALA B 132 -11.68 9.49 -10.27
N ALA B 133 -12.86 9.05 -10.72
CA ALA B 133 -14.09 9.62 -10.18
C ALA B 133 -14.18 9.39 -8.68
N LEU B 134 -13.90 8.16 -8.23
CA LEU B 134 -13.96 7.90 -6.80
C LEU B 134 -12.95 8.74 -6.03
N CYS B 135 -11.73 8.86 -6.56
CA CYS B 135 -10.70 9.64 -5.89
C CYS B 135 -11.08 11.11 -5.76
N ALA B 136 -11.56 11.72 -6.83
CA ALA B 136 -11.94 13.12 -6.76
C ALA B 136 -13.13 13.31 -5.83
N GLN B 137 -14.08 12.38 -5.83
CA GLN B 137 -15.18 12.50 -4.90
C GLN B 137 -14.70 12.46 -3.47
N GLN B 138 -13.75 11.57 -3.18
CA GLN B 138 -13.20 11.52 -1.82
C GLN B 138 -12.52 12.82 -1.46
N GLU B 139 -11.74 13.38 -2.39
CA GLU B 139 -11.04 14.63 -2.10
C GLU B 139 -12.02 15.76 -1.78
N ASP B 140 -13.04 15.91 -2.61
CA ASP B 140 -13.98 17.00 -2.37
C ASP B 140 -14.78 16.77 -1.11
N GLU B 141 -15.11 15.52 -0.79
CA GLU B 141 -15.75 15.24 0.48
C GLU B 141 -14.86 15.64 1.64
N LEU B 142 -13.56 15.37 1.50
CA LEU B 142 -12.60 15.80 2.52
C LEU B 142 -12.66 17.31 2.73
N ILE B 143 -12.54 18.08 1.64
CA ILE B 143 -12.48 19.53 1.78
C ILE B 143 -13.79 20.05 2.38
N PHE B 144 -14.92 19.56 1.90
CA PHE B 144 -16.16 20.09 2.42
C PHE B 144 -16.59 19.42 3.73
N TYR B 145 -15.93 18.34 4.14
CA TYR B 145 -16.30 17.67 5.36
C TYR B 145 -15.07 16.99 5.91
N GLY B 146 -14.68 17.34 7.13
CA GLY B 146 -13.51 16.73 7.72
C GLY B 146 -13.76 15.29 8.13
N ASP B 147 -12.67 14.55 8.29
CA ASP B 147 -12.76 13.18 8.77
C ASP B 147 -13.16 13.17 10.23
N ALA B 148 -14.21 12.41 10.54
CA ALA B 148 -14.59 12.22 11.94
C ALA B 148 -13.64 11.29 12.65
N ARG B 149 -13.26 10.18 12.01
CA ARG B 149 -12.43 9.18 12.66
C ARG B 149 -11.04 9.72 12.98
N LEU B 150 -10.38 10.31 11.99
CA LEU B 150 -9.06 10.86 12.25
C LEU B 150 -9.16 12.19 12.97
N GLY B 151 -10.00 13.09 12.46
CA GLY B 151 -10.23 14.37 13.08
C GLY B 151 -9.51 15.53 12.42
N TYR B 152 -10.21 16.23 11.52
CA TYR B 152 -9.75 17.44 10.86
C TYR B 152 -10.87 18.45 10.86
N GLU B 153 -10.69 19.50 10.08
CA GLU B 153 -11.62 20.61 10.02
C GLU B 153 -12.39 20.55 8.72
N GLY B 154 -13.71 20.68 8.81
CA GLY B 154 -14.58 20.72 7.65
C GLY B 154 -15.24 22.08 7.53
N LEU B 155 -15.33 22.57 6.30
CA LEU B 155 -15.96 23.87 6.07
C LEU B 155 -17.37 23.91 6.64
N MET B 156 -18.07 22.79 6.60
CA MET B 156 -19.34 22.68 7.27
C MET B 156 -19.21 22.46 8.77
N THR B 157 -18.01 22.12 9.27
CA THR B 157 -17.86 21.78 10.67
C THR B 157 -16.64 22.43 11.30
N ALA B 158 -16.16 23.54 10.75
CA ALA B 158 -15.08 24.27 11.39
C ALA B 158 -15.62 24.96 12.64
N ASN B 159 -14.72 25.61 13.38
CA ASN B 159 -15.07 26.30 14.61
C ASN B 159 -15.08 27.80 14.35
N GLY B 160 -16.14 28.46 14.82
CA GLY B 160 -16.30 29.87 14.52
C GLY B 160 -16.72 30.05 13.09
N ARG B 161 -17.92 29.58 12.76
CA ARG B 161 -18.38 29.54 11.37
C ARG B 161 -19.34 30.65 11.02
N LEU B 162 -19.77 31.47 11.98
CA LEU B 162 -20.69 32.57 11.72
C LEU B 162 -21.96 32.05 11.04
N THR B 163 -22.72 31.29 11.82
CA THR B 163 -23.97 30.73 11.31
C THR B 163 -24.98 31.82 11.00
N VAL B 164 -25.66 31.67 9.88
CA VAL B 164 -26.72 32.59 9.45
C VAL B 164 -27.92 31.77 9.02
N PRO B 165 -29.13 32.10 9.46
CA PRO B 165 -30.27 31.24 9.16
C PRO B 165 -30.55 31.20 7.66
N LEU B 166 -30.26 30.06 7.04
CA LEU B 166 -30.43 29.89 5.60
C LEU B 166 -31.86 29.52 5.23
N GLY B 167 -32.81 29.75 6.13
CA GLY B 167 -34.16 29.26 5.97
C GLY B 167 -35.14 30.31 5.47
N ASP B 168 -36.42 29.93 5.49
CA ASP B 168 -37.54 30.78 5.08
C ASP B 168 -37.52 31.09 3.60
N TRP B 169 -37.06 30.15 2.79
CA TRP B 169 -37.13 30.29 1.33
C TRP B 169 -38.51 29.95 0.81
N THR B 170 -38.57 29.58 -0.48
CA THR B 170 -39.79 29.27 -1.22
C THR B 170 -40.76 30.44 -1.22
N SER B 171 -40.22 31.64 -1.07
CA SER B 171 -40.87 32.89 -1.42
C SER B 171 -40.15 33.48 -2.62
N PRO B 172 -40.84 34.27 -3.46
CA PRO B 172 -40.19 34.75 -4.70
C PRO B 172 -38.88 35.45 -4.44
N GLY B 173 -38.82 36.27 -3.39
CA GLY B 173 -37.55 36.75 -2.89
C GLY B 173 -37.24 35.98 -1.64
N GLY B 174 -35.96 35.89 -1.28
CA GLY B 174 -35.57 35.13 -0.12
C GLY B 174 -34.26 34.41 -0.36
N GLY B 175 -33.96 34.15 -1.61
CA GLY B 175 -32.66 33.66 -1.96
C GLY B 175 -31.62 34.74 -2.01
N PHE B 176 -32.03 35.97 -1.74
CA PHE B 176 -31.16 37.13 -1.71
C PHE B 176 -30.95 37.64 -0.30
N GLN B 177 -31.98 37.55 0.53
CA GLN B 177 -31.89 38.03 1.90
C GLN B 177 -30.84 37.26 2.69
N ALA B 178 -30.83 35.93 2.54
CA ALA B 178 -29.86 35.14 3.28
C ALA B 178 -28.44 35.49 2.87
N ILE B 179 -28.20 35.65 1.58
CA ILE B 179 -26.84 35.97 1.15
C ILE B 179 -26.43 37.35 1.63
N VAL B 180 -27.33 38.33 1.56
CA VAL B 180 -26.93 39.66 1.99
C VAL B 180 -26.67 39.69 3.49
N GLU B 181 -27.46 38.92 4.26
CA GLU B 181 -27.18 38.81 5.68
C GLU B 181 -25.82 38.19 5.93
N ALA B 182 -25.49 37.13 5.19
CA ALA B 182 -24.18 36.53 5.38
C ALA B 182 -23.07 37.52 5.03
N THR B 183 -23.30 38.35 4.01
CA THR B 183 -22.27 39.31 3.62
C THR B 183 -22.08 40.39 4.68
N ARG B 184 -23.17 40.88 5.27
CA ARG B 184 -22.98 41.82 6.37
C ARG B 184 -22.31 41.14 7.56
N LYS B 185 -22.52 39.85 7.75
CA LYS B 185 -21.85 39.20 8.87
C LYS B 185 -20.36 39.08 8.62
N LEU B 186 -19.95 38.76 7.39
CA LEU B 186 -18.52 38.82 7.09
C LEU B 186 -17.97 40.22 7.26
N ASN B 187 -18.70 41.23 6.78
CA ASN B 187 -18.17 42.59 6.82
C ASN B 187 -18.05 43.09 8.25
N GLU B 188 -18.99 42.72 9.11
CA GLU B 188 -18.95 43.15 10.49
C GLU B 188 -17.67 42.67 11.17
N GLN B 189 -17.24 41.46 10.86
CA GLN B 189 -15.95 40.97 11.31
C GLN B 189 -14.80 41.57 10.53
N GLY B 190 -15.06 42.64 9.78
CA GLY B 190 -14.00 43.31 9.06
C GLY B 190 -13.29 42.40 8.09
N HIS B 191 -14.04 41.53 7.43
CA HIS B 191 -13.43 40.53 6.56
C HIS B 191 -14.28 40.46 5.30
N PHE B 192 -13.74 40.96 4.20
CA PHE B 192 -14.53 41.21 3.00
C PHE B 192 -13.66 40.95 1.78
N GLY B 193 -14.15 41.34 0.61
CA GLY B 193 -13.46 41.11 -0.63
C GLY B 193 -14.37 40.43 -1.63
N PRO B 194 -13.79 39.89 -2.68
CA PRO B 194 -14.61 39.19 -3.68
C PRO B 194 -15.12 37.86 -3.17
N TYR B 195 -16.41 37.79 -2.85
CA TYR B 195 -16.94 36.62 -2.16
C TYR B 195 -17.10 35.47 -3.15
N ALA B 196 -17.44 34.29 -2.63
CA ALA B 196 -17.79 33.15 -3.46
C ALA B 196 -18.78 32.29 -2.70
N VAL B 197 -19.63 31.57 -3.43
CA VAL B 197 -20.79 30.90 -2.84
C VAL B 197 -20.93 29.51 -3.44
N VAL B 198 -21.28 28.53 -2.60
CA VAL B 198 -21.46 27.14 -3.02
C VAL B 198 -22.70 26.57 -2.35
N LEU B 199 -23.62 26.00 -3.14
CA LEU B 199 -24.85 25.46 -2.60
C LEU B 199 -25.06 24.00 -2.97
N SER B 200 -25.94 23.35 -2.21
CA SER B 200 -26.34 21.99 -2.51
C SER B 200 -27.19 21.97 -3.77
N PRO B 201 -27.17 20.86 -4.52
CA PRO B 201 -27.83 20.86 -5.84
C PRO B 201 -29.32 21.14 -5.79
N ARG B 202 -30.03 20.63 -4.78
CA ARG B 202 -31.47 20.80 -4.74
C ARG B 202 -31.84 22.27 -4.78
N LEU B 203 -31.24 23.05 -3.90
CA LEU B 203 -31.63 24.45 -3.77
C LEU B 203 -30.98 25.31 -4.83
N TYR B 204 -29.77 24.96 -5.27
CA TYR B 204 -29.15 25.67 -6.38
C TYR B 204 -29.99 25.57 -7.64
N SER B 205 -30.53 24.39 -7.93
CA SER B 205 -31.50 24.28 -9.00
C SER B 205 -32.75 25.09 -8.67
N GLN B 206 -33.24 24.97 -7.44
CA GLN B 206 -34.46 25.67 -7.05
C GLN B 206 -34.27 27.18 -7.01
N LEU B 207 -33.03 27.65 -7.12
CA LEU B 207 -32.73 29.08 -7.13
C LEU B 207 -33.08 29.75 -8.44
N HIS B 208 -33.83 29.09 -9.32
CA HIS B 208 -34.24 29.72 -10.57
C HIS B 208 -35.62 30.32 -10.38
N ARG B 209 -35.83 30.94 -9.22
CA ARG B 209 -37.08 31.57 -8.86
C ARG B 209 -37.11 32.94 -9.52
N ILE B 210 -36.51 32.99 -10.72
CA ILE B 210 -36.03 34.16 -11.43
C ILE B 210 -36.92 35.38 -11.29
N TYR B 211 -38.23 35.16 -11.23
CA TYR B 211 -39.16 36.27 -11.27
C TYR B 211 -39.01 37.09 -9.99
N GLU B 212 -37.92 37.85 -9.89
CA GLU B 212 -37.68 38.66 -8.70
C GLU B 212 -38.46 39.97 -8.79
N LYS B 213 -38.07 40.87 -9.69
CA LYS B 213 -38.99 41.93 -10.10
C LYS B 213 -39.02 42.17 -11.60
N THR B 214 -37.86 42.10 -12.25
CA THR B 214 -37.78 42.36 -13.68
C THR B 214 -37.03 41.25 -14.39
N GLY B 215 -36.65 41.49 -15.63
CA GLY B 215 -36.07 40.42 -16.43
C GLY B 215 -34.63 40.12 -16.11
N VAL B 216 -34.38 39.47 -14.97
CA VAL B 216 -33.03 39.08 -14.60
C VAL B 216 -33.11 37.89 -13.67
N LEU B 217 -32.09 37.04 -13.74
CA LEU B 217 -32.10 35.77 -13.03
C LEU B 217 -31.68 35.99 -11.58
N GLU B 218 -32.45 35.46 -10.64
CA GLU B 218 -32.08 35.58 -9.23
C GLU B 218 -30.68 35.04 -9.01
N ILE B 219 -30.34 33.94 -9.66
CA ILE B 219 -28.98 33.45 -9.57
C ILE B 219 -28.02 34.47 -10.16
N GLU B 220 -28.43 35.20 -11.20
CA GLU B 220 -27.47 36.10 -11.80
C GLU B 220 -27.24 37.33 -10.91
N THR B 221 -28.27 37.83 -10.25
CA THR B 221 -28.04 38.96 -9.35
C THR B 221 -27.23 38.52 -8.14
N ILE B 222 -27.48 37.31 -7.62
CA ILE B 222 -26.60 36.78 -6.60
C ILE B 222 -25.17 36.74 -7.11
N ARG B 223 -25.00 36.35 -8.37
CA ARG B 223 -23.66 36.23 -8.94
C ARG B 223 -22.97 37.59 -9.02
N GLN B 224 -23.70 38.63 -9.38
CA GLN B 224 -23.04 39.93 -9.43
C GLN B 224 -22.77 40.47 -8.04
N LEU B 225 -23.53 40.02 -7.04
CA LEU B 225 -23.19 40.37 -5.66
C LEU B 225 -21.93 39.66 -5.19
N ALA B 226 -21.80 38.36 -5.46
CA ALA B 226 -20.70 37.58 -4.92
C ALA B 226 -19.39 37.87 -5.63
N SER B 227 -19.44 38.01 -6.95
CA SER B 227 -18.31 38.40 -7.80
C SER B 227 -17.28 37.30 -7.97
N ASP B 228 -17.54 36.08 -7.53
CA ASP B 228 -16.68 34.97 -7.92
C ASP B 228 -17.49 33.74 -8.28
N GLY B 229 -18.80 33.87 -8.46
CA GLY B 229 -19.61 32.80 -9.00
C GLY B 229 -20.22 31.92 -7.95
N VAL B 230 -21.54 31.80 -7.98
CA VAL B 230 -22.19 30.73 -7.26
C VAL B 230 -21.82 29.42 -7.92
N TYR B 231 -21.68 28.36 -7.13
CA TYR B 231 -21.14 27.10 -7.62
C TYR B 231 -22.02 25.93 -7.17
N GLN B 232 -21.96 24.87 -7.95
CA GLN B 232 -22.66 23.62 -7.69
C GLN B 232 -21.67 22.60 -7.15
N SER B 233 -22.05 21.91 -6.08
CA SER B 233 -21.24 20.81 -5.56
C SER B 233 -22.15 19.78 -4.92
N ASN B 234 -22.32 18.64 -5.59
CA ASN B 234 -23.22 17.61 -5.11
C ASN B 234 -22.79 17.03 -3.78
N ARG B 235 -21.55 17.26 -3.37
CA ARG B 235 -21.05 16.65 -2.14
C ARG B 235 -21.73 17.21 -0.91
N LEU B 236 -22.49 18.29 -1.03
CA LEU B 236 -23.16 18.85 0.13
C LEU B 236 -24.31 17.94 0.54
N ARG B 237 -24.83 18.19 1.74
CA ARG B 237 -26.03 17.51 2.18
C ARG B 237 -27.23 18.16 1.51
N GLY B 238 -28.43 17.88 2.01
CA GLY B 238 -29.63 18.36 1.33
C GLY B 238 -29.80 19.87 1.36
N GLU B 239 -29.52 20.49 2.50
CA GLU B 239 -30.00 21.85 2.78
C GLU B 239 -28.87 22.72 3.32
N SER B 240 -27.74 22.79 2.62
CA SER B 240 -26.61 23.55 3.12
C SER B 240 -25.95 24.34 2.00
N GLY B 241 -25.03 25.22 2.41
CA GLY B 241 -24.29 26.08 1.52
C GLY B 241 -23.39 27.04 2.28
N VAL B 242 -22.39 27.61 1.61
CA VAL B 242 -21.42 28.47 2.26
C VAL B 242 -21.19 29.72 1.43
N VAL B 243 -20.51 30.68 2.05
CA VAL B 243 -19.92 31.81 1.36
C VAL B 243 -18.55 32.07 1.99
N VAL B 244 -17.57 32.38 1.16
CA VAL B 244 -16.18 32.47 1.57
C VAL B 244 -15.56 33.72 0.97
N SER B 245 -14.25 33.89 1.18
CA SER B 245 -13.50 35.02 0.66
C SER B 245 -12.29 34.48 -0.09
N THR B 246 -12.34 34.54 -1.40
CA THR B 246 -11.46 33.72 -2.24
C THR B 246 -10.02 34.08 -2.15
N GLY B 247 -9.49 34.93 -1.29
CA GLY B 247 -8.06 35.18 -1.31
C GLY B 247 -7.27 34.07 -0.64
N ARG B 248 -5.96 34.29 -0.56
CA ARG B 248 -5.09 33.50 0.30
C ARG B 248 -5.30 33.97 1.73
N GLU B 249 -4.38 33.59 2.61
CA GLU B 249 -4.29 34.09 3.98
C GLU B 249 -5.61 33.93 4.72
N ASN B 250 -6.56 33.24 4.10
CA ASN B 250 -7.81 32.90 4.74
C ASN B 250 -8.08 31.41 4.64
N MET B 251 -7.98 30.87 3.43
CA MET B 251 -8.17 29.47 3.16
C MET B 251 -7.05 29.06 2.22
N ASP B 252 -6.40 27.96 2.54
CA ASP B 252 -5.30 27.52 1.71
C ASP B 252 -5.40 26.02 1.50
N LEU B 253 -4.77 25.57 0.43
CA LEU B 253 -4.77 24.16 0.08
C LEU B 253 -3.35 23.74 -0.22
N ALA B 254 -2.89 22.68 0.44
CA ALA B 254 -1.51 22.24 0.34
C ALA B 254 -1.46 20.89 -0.35
N VAL B 255 -0.76 20.82 -1.48
CA VAL B 255 -0.59 19.59 -2.22
C VAL B 255 0.85 19.13 -2.07
N SER B 256 1.02 17.84 -1.81
CA SER B 256 2.33 17.22 -1.86
C SER B 256 2.63 16.64 -3.23
N MET B 257 1.62 16.10 -3.88
CA MET B 257 1.73 15.65 -5.26
C MET B 257 0.31 15.52 -5.81
N ASP B 258 0.17 15.75 -7.11
CA ASP B 258 -1.15 15.80 -7.73
C ASP B 258 -1.68 14.39 -7.96
N MET B 259 -2.69 14.28 -8.81
CA MET B 259 -3.31 13.00 -9.08
C MET B 259 -2.56 12.31 -10.21
N VAL B 260 -1.80 11.26 -9.87
CA VAL B 260 -0.98 10.53 -10.81
C VAL B 260 -1.30 9.05 -10.72
N ALA B 261 -0.88 8.32 -11.74
CA ALA B 261 -1.12 6.89 -11.85
C ALA B 261 0.17 6.14 -11.54
N ALA B 262 0.10 5.16 -10.66
CA ALA B 262 1.29 4.45 -10.21
C ALA B 262 1.10 2.96 -10.38
N TYR B 263 2.22 2.28 -10.63
CA TYR B 263 2.27 0.85 -10.89
C TYR B 263 2.70 0.09 -9.64
N LEU B 264 1.86 -0.80 -9.16
CA LEU B 264 2.10 -1.52 -7.91
C LEU B 264 2.97 -2.76 -8.09
N GLY B 265 3.32 -3.12 -9.31
CA GLY B 265 4.11 -4.33 -9.51
C GLY B 265 3.27 -5.51 -9.93
N ALA B 266 3.80 -6.33 -10.85
CA ALA B 266 3.06 -7.46 -11.37
C ALA B 266 2.73 -8.46 -10.28
N SER B 267 1.68 -9.23 -10.50
CA SER B 267 1.28 -10.28 -9.57
C SER B 267 0.33 -11.22 -10.28
N ARG B 268 0.67 -12.51 -10.31
CA ARG B 268 -0.15 -13.53 -10.94
C ARG B 268 -0.23 -13.33 -12.45
N MET B 269 0.74 -12.58 -12.99
CA MET B 269 0.81 -12.09 -14.36
C MET B 269 -0.27 -11.05 -14.66
N ASN B 270 -1.14 -10.72 -13.73
CA ASN B 270 -2.09 -9.64 -13.95
C ASN B 270 -1.36 -8.32 -13.88
N HIS B 271 -2.08 -7.22 -13.84
CA HIS B 271 -1.41 -5.96 -13.56
C HIS B 271 -2.30 -5.10 -12.67
N PRO B 272 -1.88 -4.78 -11.46
CA PRO B 272 -2.63 -3.85 -10.62
C PRO B 272 -2.11 -2.44 -10.82
N PHE B 273 -2.84 -1.48 -10.26
CA PHE B 273 -2.53 -0.08 -10.48
C PHE B 273 -3.15 0.75 -9.35
N ARG B 274 -2.72 2.00 -9.26
CA ARG B 274 -3.16 2.85 -8.18
C ARG B 274 -2.97 4.31 -8.56
N VAL B 275 -3.98 5.13 -8.28
CA VAL B 275 -3.95 6.57 -8.52
C VAL B 275 -3.95 7.29 -7.18
N LEU B 276 -3.05 8.26 -7.05
CA LEU B 276 -2.65 8.78 -5.75
C LEU B 276 -2.95 10.27 -5.62
N GLU B 277 -3.28 10.69 -4.42
CA GLU B 277 -3.38 12.10 -4.10
C GLU B 277 -2.85 12.35 -2.70
N ALA B 278 -2.11 13.45 -2.54
CA ALA B 278 -1.53 13.84 -1.25
C ALA B 278 -1.94 15.28 -0.99
N LEU B 279 -3.01 15.46 -0.22
CA LEU B 279 -3.71 16.73 -0.16
C LEU B 279 -4.07 17.07 1.28
N LEU B 280 -4.07 18.36 1.58
CA LEU B 280 -4.62 18.85 2.86
C LEU B 280 -4.85 20.34 2.75
N LEU B 281 -6.04 20.78 3.17
CA LEU B 281 -6.30 22.21 3.28
C LEU B 281 -5.99 22.65 4.69
N ARG B 282 -5.69 23.94 4.84
CA ARG B 282 -5.45 24.52 6.16
C ARG B 282 -6.11 25.89 6.19
N ILE B 283 -7.14 26.04 7.03
CA ILE B 283 -7.85 27.30 7.14
C ILE B 283 -7.09 28.17 8.13
N LYS B 284 -6.31 29.11 7.59
CA LYS B 284 -5.57 30.03 8.44
C LYS B 284 -6.50 30.89 9.27
N HIS B 285 -7.56 31.39 8.67
CA HIS B 285 -8.37 32.47 9.24
C HIS B 285 -9.83 32.01 9.27
N PRO B 286 -10.22 31.29 10.31
CA PRO B 286 -11.60 30.80 10.36
C PRO B 286 -12.61 31.88 10.70
N ASP B 287 -12.51 33.02 10.03
CA ASP B 287 -13.48 34.11 10.14
C ASP B 287 -14.30 34.27 8.87
N ALA B 288 -13.96 33.55 7.81
CA ALA B 288 -14.54 33.73 6.48
C ALA B 288 -15.56 32.65 6.15
N ILE B 289 -16.44 32.33 7.09
CA ILE B 289 -17.34 31.19 6.95
C ILE B 289 -18.77 31.64 7.15
N CYS B 290 -19.70 31.01 6.43
CA CYS B 290 -21.11 31.00 6.78
C CYS B 290 -21.75 29.67 6.42
N THR B 291 -22.73 29.26 7.22
CA THR B 291 -23.40 27.99 7.06
C THR B 291 -24.89 28.20 7.34
N LEU B 292 -25.60 27.12 7.63
CA LEU B 292 -26.98 27.19 8.09
C LEU B 292 -27.02 27.49 9.58
N GLU C 23 28.49 42.49 13.12
CA GLU C 23 27.85 41.20 12.88
C GLU C 23 28.23 40.23 13.98
N ASN C 24 29.53 40.02 14.18
CA ASN C 24 30.01 39.20 15.29
C ASN C 24 31.42 39.63 15.70
N PRO C 25 31.54 40.44 16.74
CA PRO C 25 32.88 40.81 17.21
C PRO C 25 33.78 39.65 17.56
N LEU C 26 33.25 38.60 18.16
CA LEU C 26 34.10 37.54 18.70
C LEU C 26 34.91 36.89 17.59
N ARG C 27 36.23 36.99 17.68
CA ARG C 27 37.08 36.44 16.63
C ARG C 27 37.07 34.92 16.69
N GLU C 28 37.90 34.31 15.83
CA GLU C 28 37.88 32.85 15.71
C GLU C 28 38.28 32.18 17.01
N GLU C 29 39.40 32.61 17.60
CA GLU C 29 39.90 31.97 18.80
C GLU C 29 38.91 32.09 19.95
N GLU C 30 38.29 33.25 20.10
CA GLU C 30 37.30 33.41 21.15
C GLU C 30 36.10 32.50 20.92
N TRP C 31 35.69 32.35 19.67
CA TRP C 31 34.61 31.40 19.36
C TRP C 31 34.99 30.00 19.79
N ALA C 32 36.22 29.59 19.46
CA ALA C 32 36.68 28.27 19.84
C ALA C 32 36.65 28.10 21.35
N ARG C 33 37.15 29.10 22.08
CA ARG C 33 37.16 29.00 23.54
C ARG C 33 35.75 28.85 24.08
N LEU C 34 34.81 29.65 23.57
CA LEU C 34 33.45 29.61 24.07
C LEU C 34 32.83 28.24 23.83
N ASN C 35 33.01 27.72 22.61
CA ASN C 35 32.42 26.43 22.26
C ASN C 35 33.01 25.31 23.11
N GLU C 36 34.33 25.29 23.30
CA GLU C 36 34.91 24.24 24.10
C GLU C 36 34.41 24.31 25.54
N THR C 37 34.29 25.51 26.10
CA THR C 37 33.84 25.59 27.49
C THR C 37 32.42 25.06 27.62
N VAL C 38 31.52 25.46 26.72
CA VAL C 38 30.14 25.02 26.86
C VAL C 38 30.05 23.51 26.65
N ILE C 39 30.80 22.98 25.67
CA ILE C 39 30.80 21.54 25.42
C ILE C 39 31.27 20.78 26.65
N GLN C 40 32.37 21.23 27.26
CA GLN C 40 32.94 20.51 28.38
C GLN C 40 31.99 20.48 29.56
N VAL C 41 31.39 21.64 29.89
CA VAL C 41 30.48 21.61 31.02
C VAL C 41 29.26 20.75 30.70
N ALA C 42 28.80 20.76 29.45
CA ALA C 42 27.68 19.92 29.09
C ALA C 42 28.00 18.46 29.34
N ARG C 43 29.14 17.99 28.82
CA ARG C 43 29.51 16.59 28.98
C ARG C 43 29.64 16.23 30.45
N ARG C 44 30.21 17.11 31.24
CA ARG C 44 30.32 16.83 32.67
C ARG C 44 28.95 16.82 33.36
N SER C 45 27.95 17.44 32.77
CA SER C 45 26.70 17.70 33.49
C SER C 45 25.59 16.69 33.21
N LEU C 46 25.35 16.34 31.94
CA LEU C 46 24.19 15.55 31.58
C LEU C 46 24.25 14.14 32.15
N VAL C 47 23.10 13.64 32.59
CA VAL C 47 22.96 12.26 33.02
C VAL C 47 21.99 11.49 32.13
N GLY C 48 20.93 12.14 31.68
CA GLY C 48 19.97 11.44 30.83
C GLY C 48 20.59 10.95 29.54
N ARG C 49 21.46 11.75 28.93
CA ARG C 49 22.03 11.38 27.65
C ARG C 49 23.09 10.31 27.76
N ARG C 50 23.20 9.64 28.90
CA ARG C 50 24.09 8.50 29.04
C ARG C 50 23.38 7.17 28.85
N ILE C 51 22.06 7.13 28.99
CA ILE C 51 21.30 5.90 28.90
C ILE C 51 20.28 5.99 27.77
N LEU C 52 20.58 6.78 26.76
CA LEU C 52 19.67 6.95 25.62
C LEU C 52 20.51 7.18 24.38
N ASP C 53 20.50 6.24 23.44
CA ASP C 53 21.18 6.46 22.18
C ASP C 53 20.43 7.50 21.37
N ILE C 54 21.16 8.32 20.63
CA ILE C 54 20.58 9.48 19.97
C ILE C 54 20.35 9.18 18.50
N TYR C 55 19.24 9.68 17.97
CA TYR C 55 19.01 9.71 16.54
C TYR C 55 19.73 10.92 15.98
N GLY C 56 20.37 10.76 14.82
CA GLY C 56 21.44 11.62 14.39
C GLY C 56 21.14 13.09 14.29
N PRO C 57 22.11 13.87 13.86
CA PRO C 57 21.93 15.33 13.77
C PRO C 57 21.04 15.71 12.61
N LEU C 58 19.72 15.71 12.83
CA LEU C 58 18.78 15.99 11.76
C LEU C 58 19.05 17.33 11.11
N GLY C 59 19.39 18.34 11.89
CA GLY C 59 19.75 19.65 11.38
C GLY C 59 18.83 20.72 11.94
N ALA C 60 19.06 21.94 11.47
CA ALA C 60 18.22 23.06 11.88
C ALA C 60 16.87 23.03 11.19
N GLY C 61 16.86 22.73 9.90
CA GLY C 61 15.65 22.92 9.11
C GLY C 61 14.48 22.09 9.59
N VAL C 62 14.72 20.81 9.86
CA VAL C 62 13.69 19.88 10.32
C VAL C 62 12.97 20.50 11.50
N GLN C 63 11.68 20.25 11.64
CA GLN C 63 10.94 20.75 12.78
C GLN C 63 10.02 19.74 13.43
N THR C 64 9.81 18.57 12.83
CA THR C 64 9.05 17.55 13.51
C THR C 64 9.52 16.17 13.06
N VAL C 65 9.31 15.18 13.91
CA VAL C 65 9.91 13.86 13.76
C VAL C 65 8.83 12.79 13.84
N PRO C 66 9.02 11.65 13.22
CA PRO C 66 7.98 10.60 13.24
C PRO C 66 7.93 9.86 14.57
N TYR C 67 7.22 10.42 15.54
CA TYR C 67 7.01 9.72 16.79
C TYR C 67 6.23 8.45 16.50
N ASP C 68 6.90 7.30 16.54
CA ASP C 68 6.48 6.17 15.70
C ASP C 68 5.55 5.16 16.37
N GLU C 69 6.04 4.43 17.36
CA GLU C 69 5.45 3.14 17.65
C GLU C 69 4.66 3.16 18.95
N PHE C 70 3.97 2.08 19.18
CA PHE C 70 3.37 1.84 20.48
C PHE C 70 3.61 0.42 21.00
N GLN C 71 3.64 -0.58 20.14
CA GLN C 71 3.67 -1.96 20.62
C GLN C 71 4.08 -2.86 19.46
N GLY C 72 3.93 -4.17 19.68
CA GLY C 72 4.20 -5.17 18.67
C GLY C 72 5.26 -6.19 19.08
N VAL C 73 4.90 -7.47 19.07
CA VAL C 73 5.86 -8.56 19.24
C VAL C 73 5.58 -9.63 18.20
N SER C 74 6.59 -9.94 17.38
CA SER C 74 6.49 -10.98 16.36
C SER C 74 7.47 -12.09 16.73
N PRO C 75 7.01 -13.18 17.33
CA PRO C 75 7.95 -14.17 17.87
C PRO C 75 8.91 -14.71 16.83
N GLY C 76 8.50 -14.77 15.57
CA GLY C 76 9.39 -15.23 14.53
C GLY C 76 9.68 -16.71 14.62
N ALA C 77 10.15 -17.29 13.51
CA ALA C 77 10.46 -18.71 13.49
C ALA C 77 11.39 -18.99 12.33
N VAL C 78 11.98 -20.18 12.33
CA VAL C 78 12.86 -20.61 11.25
C VAL C 78 12.51 -22.03 10.87
N ASP C 79 12.34 -22.26 9.58
CA ASP C 79 12.18 -23.59 9.01
C ASP C 79 13.11 -23.73 7.83
N ILE C 80 13.43 -24.97 7.51
CA ILE C 80 14.56 -25.26 6.62
C ILE C 80 14.38 -24.56 5.29
N VAL C 81 13.17 -24.54 4.76
CA VAL C 81 12.98 -24.06 3.40
C VAL C 81 12.88 -22.54 3.36
N GLY C 82 12.23 -21.94 4.36
CA GLY C 82 12.14 -20.49 4.45
C GLY C 82 10.77 -19.88 4.20
N GLU C 83 9.71 -20.51 4.70
CA GLU C 83 8.35 -19.98 4.54
C GLU C 83 7.60 -20.23 5.83
N GLN C 84 7.31 -19.17 6.59
CA GLN C 84 6.65 -19.36 7.87
C GLN C 84 5.56 -18.34 8.21
N GLU C 85 5.36 -17.31 7.39
CA GLU C 85 4.27 -16.35 7.62
C GLU C 85 4.36 -15.65 8.96
N THR C 86 5.38 -14.84 9.17
CA THR C 86 5.53 -14.05 10.39
C THR C 86 5.19 -12.59 10.08
N ALA C 87 4.25 -12.02 10.82
CA ALA C 87 3.78 -10.68 10.55
C ALA C 87 4.82 -9.65 10.96
N MET C 88 5.39 -8.94 9.98
CA MET C 88 6.42 -7.97 10.32
C MET C 88 5.78 -6.76 11.00
N VAL C 89 6.61 -6.02 11.73
CA VAL C 89 6.21 -4.81 12.43
C VAL C 89 6.68 -3.60 11.62
N PHE C 90 5.75 -2.72 11.28
CA PHE C 90 6.08 -1.40 10.78
C PHE C 90 5.69 -0.29 11.74
N THR C 91 4.46 -0.29 12.24
CA THR C 91 3.99 0.79 13.11
C THR C 91 2.68 0.32 13.72
N ASP C 92 2.16 1.11 14.66
CA ASP C 92 0.76 1.03 15.03
C ASP C 92 -0.01 2.31 14.74
N ALA C 93 0.57 3.47 15.00
CA ALA C 93 -0.13 4.73 14.73
C ALA C 93 0.90 5.86 14.74
N ARG C 94 1.10 6.49 13.60
CA ARG C 94 1.99 7.64 13.51
C ARG C 94 1.34 8.88 14.12
N LYS C 95 2.14 9.74 14.73
CA LYS C 95 1.58 10.96 15.31
C LYS C 95 2.32 12.24 15.01
N PHE C 96 3.63 12.18 14.75
CA PHE C 96 4.38 13.34 14.26
C PHE C 96 4.32 14.52 15.24
N LYS C 97 4.93 14.35 16.40
CA LYS C 97 5.06 15.54 17.24
C LYS C 97 6.29 16.38 16.84
N THR C 98 6.22 17.64 17.26
CA THR C 98 7.31 18.57 16.89
C THR C 98 8.45 18.45 17.89
N ILE C 99 9.50 19.22 17.68
CA ILE C 99 10.67 19.18 18.55
C ILE C 99 10.89 20.59 19.13
N PRO C 100 10.80 20.76 20.43
CA PRO C 100 10.91 22.09 21.02
C PRO C 100 12.35 22.56 21.03
N ILE C 101 12.60 23.71 21.67
CA ILE C 101 13.92 24.32 21.71
C ILE C 101 14.25 24.66 23.16
N ILE C 102 15.53 24.50 23.52
CA ILE C 102 16.01 24.69 24.89
C ILE C 102 17.09 25.76 24.87
N TYR C 103 17.00 26.71 25.79
CA TYR C 103 17.92 27.84 25.73
C TYR C 103 18.15 28.47 27.10
N LYS C 104 19.31 29.12 27.22
CA LYS C 104 19.62 30.06 28.28
C LYS C 104 20.65 31.02 27.72
N ASP C 105 20.97 32.08 28.49
CA ASP C 105 21.60 33.25 27.92
C ASP C 105 22.41 34.02 28.96
N PHE C 106 23.41 34.78 28.49
CA PHE C 106 24.39 35.43 29.35
C PHE C 106 25.01 36.61 28.60
N LEU C 107 25.85 37.38 29.29
CA LEU C 107 26.37 38.66 28.78
C LEU C 107 27.88 38.75 29.01
N LEU C 108 28.51 39.76 28.40
CA LEU C 108 29.97 39.85 28.35
C LEU C 108 30.62 41.16 28.80
N HIS C 109 29.93 42.29 28.81
CA HIS C 109 30.57 43.55 29.22
C HIS C 109 31.76 43.94 28.37
N TRP C 110 31.51 44.51 27.20
CA TRP C 110 32.46 44.70 26.11
C TRP C 110 33.89 44.96 26.53
N ARG C 111 34.06 45.71 27.62
CA ARG C 111 35.42 46.07 28.05
C ARG C 111 36.31 44.84 28.15
N ASP C 112 35.78 43.75 28.71
CA ASP C 112 36.60 42.55 28.89
C ASP C 112 37.01 41.96 27.55
N ILE C 113 36.14 42.03 26.54
CA ILE C 113 36.51 41.55 25.23
C ILE C 113 37.71 42.32 24.70
N GLU C 114 37.77 43.61 24.99
CA GLU C 114 38.92 44.40 24.55
C GLU C 114 40.16 44.06 25.35
N ALA C 115 40.02 43.95 26.68
CA ALA C 115 41.17 43.66 27.52
C ALA C 115 41.81 42.34 27.12
N ALA C 116 40.99 41.32 26.89
CA ALA C 116 41.52 40.03 26.52
C ALA C 116 42.21 40.03 25.16
N ARG C 117 42.32 41.17 24.50
CA ARG C 117 43.10 41.26 23.29
C ARG C 117 44.47 41.88 23.51
N THR C 118 44.71 42.51 24.67
CA THR C 118 46.05 42.99 25.00
C THR C 118 46.62 42.30 26.23
N HIS C 119 45.99 42.40 27.40
CA HIS C 119 46.62 41.83 28.58
C HIS C 119 46.17 40.41 28.85
N ASN C 120 44.89 40.21 29.19
CA ASN C 120 44.42 38.91 29.69
C ASN C 120 44.11 37.99 28.51
N MET C 121 45.17 37.45 27.91
CA MET C 121 45.03 36.80 26.60
C MET C 121 43.92 35.74 26.50
N PRO C 122 43.73 34.84 27.47
CA PRO C 122 42.59 33.92 27.36
C PRO C 122 41.32 34.50 27.96
N LEU C 123 40.25 34.57 27.17
CA LEU C 123 39.07 35.32 27.55
C LEU C 123 38.36 34.68 28.73
N ASP C 124 37.73 35.53 29.55
CA ASP C 124 37.06 35.08 30.77
C ASP C 124 35.60 34.76 30.48
N VAL C 125 35.20 33.50 30.70
CA VAL C 125 33.90 33.03 30.23
C VAL C 125 33.06 32.37 31.32
N SER C 126 33.28 32.72 32.59
CA SER C 126 32.55 32.05 33.66
C SER C 126 31.05 32.11 33.46
N ALA C 127 30.55 33.19 32.85
CA ALA C 127 29.14 33.27 32.56
C ALA C 127 28.70 32.17 31.60
N ALA C 128 29.57 31.76 30.67
CA ALA C 128 29.20 30.71 29.74
C ALA C 128 28.93 29.41 30.48
N ALA C 129 29.78 29.05 31.43
CA ALA C 129 29.53 27.87 32.24
C ALA C 129 28.24 28.04 33.03
N GLY C 130 28.01 29.24 33.57
CA GLY C 130 26.77 29.48 34.29
C GLY C 130 25.56 29.20 33.43
N ALA C 131 25.64 29.55 32.15
CA ALA C 131 24.52 29.30 31.25
C ALA C 131 24.40 27.82 30.91
N ALA C 132 25.51 27.17 30.60
CA ALA C 132 25.47 25.79 30.14
C ALA C 132 24.95 24.87 31.23
N ALA C 133 25.33 25.10 32.47
CA ALA C 133 24.84 24.25 33.55
C ALA C 133 23.33 24.32 33.63
N LEU C 134 22.76 25.52 33.56
CA LEU C 134 21.32 25.66 33.70
C LEU C 134 20.61 25.08 32.48
N CYS C 135 21.20 25.23 31.30
CA CYS C 135 20.59 24.64 30.10
C CYS C 135 20.53 23.14 30.21
N ALA C 136 21.62 22.52 30.65
CA ALA C 136 21.63 21.06 30.81
C ALA C 136 20.64 20.63 31.89
N GLN C 137 20.55 21.37 32.97
CA GLN C 137 19.58 21.03 34.01
C GLN C 137 18.16 21.04 33.45
N GLN C 138 17.82 22.08 32.69
CA GLN C 138 16.46 22.16 32.16
C GLN C 138 16.20 21.04 31.16
N GLU C 139 17.18 20.75 30.32
CA GLU C 139 17.02 19.66 29.34
C GLU C 139 16.80 18.33 30.04
N ASP C 140 17.55 18.09 31.10
CA ASP C 140 17.36 16.88 31.89
C ASP C 140 15.94 16.85 32.45
N GLU C 141 15.47 17.98 32.97
CA GLU C 141 14.11 18.00 33.50
C GLU C 141 13.11 17.67 32.41
N LEU C 142 13.39 18.09 31.18
CA LEU C 142 12.50 17.77 30.07
C LEU C 142 12.46 16.26 29.82
N ILE C 143 13.64 15.63 29.77
CA ILE C 143 13.65 14.18 29.54
C ILE C 143 12.92 13.46 30.65
N PHE C 144 13.20 13.82 31.89
CA PHE C 144 12.61 13.09 33.00
C PHE C 144 11.21 13.54 33.34
N TYR C 145 10.67 14.54 32.68
CA TYR C 145 9.34 15.01 33.06
C TYR C 145 8.71 15.75 31.90
N GLY C 146 7.41 15.56 31.73
CA GLY C 146 6.67 16.28 30.73
C GLY C 146 6.28 17.65 31.21
N ASP C 147 5.53 18.35 30.35
CA ASP C 147 5.03 19.68 30.68
C ASP C 147 3.55 19.77 30.36
N ALA C 148 3.13 19.04 29.33
CA ALA C 148 1.75 18.98 28.86
C ALA C 148 1.30 20.28 28.22
N ARG C 149 2.15 21.31 28.29
CA ARG C 149 1.86 22.54 27.55
C ARG C 149 2.21 22.41 26.07
N LEU C 150 2.97 21.40 25.69
CA LEU C 150 3.13 21.02 24.29
C LEU C 150 2.90 19.53 24.07
N GLY C 151 2.32 18.83 25.04
CA GLY C 151 2.03 17.41 24.88
C GLY C 151 3.24 16.51 24.76
N TYR C 152 4.22 16.73 25.63
CA TYR C 152 5.45 15.89 25.63
C TYR C 152 5.42 14.94 26.82
N GLU C 153 5.43 13.63 26.57
CA GLU C 153 5.39 12.65 27.64
C GLU C 153 6.77 12.49 28.27
N GLY C 154 6.79 11.97 29.49
CA GLY C 154 8.05 11.84 30.20
C GLY C 154 8.04 10.59 31.04
N LEU C 155 9.24 10.21 31.48
CA LEU C 155 9.45 8.88 32.05
C LEU C 155 8.54 8.64 33.25
N MET C 156 8.47 9.59 34.16
CA MET C 156 7.63 9.37 35.34
C MET C 156 6.21 9.86 35.17
N THR C 157 5.86 10.41 34.01
CA THR C 157 4.49 10.82 33.77
C THR C 157 3.81 10.08 32.63
N ALA C 158 4.55 9.32 31.83
CA ALA C 158 3.97 8.66 30.68
C ALA C 158 2.90 7.66 31.12
N ASN C 159 2.10 7.23 30.16
CA ASN C 159 1.08 6.22 30.40
C ASN C 159 1.53 4.87 29.87
N GLY C 160 1.28 3.83 30.67
CA GLY C 160 1.89 2.55 30.40
C GLY C 160 3.27 2.48 31.03
N ARG C 161 3.32 2.70 32.35
CA ARG C 161 4.59 2.76 33.05
C ARG C 161 4.89 1.50 33.86
N LEU C 162 3.90 0.65 34.12
CA LEU C 162 4.08 -0.55 34.93
C LEU C 162 4.61 -0.18 36.32
N THR C 163 3.79 0.53 37.08
CA THR C 163 4.15 0.91 38.43
C THR C 163 4.21 -0.32 39.34
N VAL C 164 4.78 -0.13 40.52
CA VAL C 164 4.79 -1.16 41.56
C VAL C 164 5.05 -0.51 42.91
N PRO C 165 4.19 -0.72 43.90
CA PRO C 165 4.44 -0.13 45.22
C PRO C 165 5.72 -0.65 45.82
N LEU C 166 6.45 0.23 46.49
CA LEU C 166 7.76 -0.14 46.98
C LEU C 166 8.06 0.29 48.41
N GLY C 167 7.25 1.15 49.03
CA GLY C 167 7.68 1.72 50.28
C GLY C 167 7.84 0.68 51.38
N ASP C 168 9.10 0.30 51.62
CA ASP C 168 9.47 -0.47 52.79
C ASP C 168 10.86 -0.05 53.29
N TRP C 169 11.36 1.08 52.82
CA TRP C 169 12.76 1.45 53.01
C TRP C 169 12.94 2.08 54.40
N THR C 170 14.11 2.69 54.61
CA THR C 170 14.66 3.10 55.90
C THR C 170 15.05 1.90 56.74
N SER C 171 14.77 0.69 56.29
CA SER C 171 15.29 -0.53 56.91
C SER C 171 16.08 -1.26 55.85
N PRO C 172 17.41 -1.28 55.92
CA PRO C 172 18.20 -1.95 54.86
C PRO C 172 17.88 -3.43 54.70
N GLY C 173 17.15 -4.02 55.63
CA GLY C 173 16.74 -5.40 55.50
C GLY C 173 15.67 -5.57 54.44
N GLY C 174 16.06 -5.36 53.19
CA GLY C 174 15.14 -5.38 52.08
C GLY C 174 15.63 -4.49 50.96
N GLY C 175 14.79 -3.56 50.52
CA GLY C 175 15.26 -2.58 49.54
C GLY C 175 15.38 -3.02 48.11
N PHE C 176 16.11 -4.12 47.85
CA PHE C 176 16.27 -4.54 46.47
C PHE C 176 15.00 -5.20 45.94
N GLN C 177 14.17 -5.73 46.83
CA GLN C 177 13.00 -6.49 46.39
C GLN C 177 12.15 -5.70 45.43
N ALA C 178 12.09 -4.38 45.60
CA ALA C 178 11.42 -3.54 44.61
C ALA C 178 12.09 -3.67 43.26
N ILE C 179 13.43 -3.66 43.24
CA ILE C 179 14.13 -3.77 41.97
C ILE C 179 13.89 -5.14 41.33
N VAL C 180 13.92 -6.20 42.13
CA VAL C 180 13.73 -7.53 41.54
C VAL C 180 12.29 -7.69 41.04
N GLU C 181 11.32 -7.11 41.75
CA GLU C 181 9.95 -7.12 41.26
C GLU C 181 9.85 -6.35 39.96
N ALA C 182 10.56 -5.23 39.87
CA ALA C 182 10.56 -4.47 38.63
C ALA C 182 11.14 -5.30 37.50
N THR C 183 12.22 -6.03 37.77
CA THR C 183 12.83 -6.85 36.73
C THR C 183 11.86 -7.93 36.26
N ARG C 184 11.26 -8.67 37.20
CA ARG C 184 10.39 -9.75 36.78
C ARG C 184 9.17 -9.22 36.04
N LYS C 185 8.57 -8.12 36.52
CA LYS C 185 7.41 -7.56 35.84
C LYS C 185 7.77 -6.97 34.50
N LEU C 186 8.99 -6.47 34.34
CA LEU C 186 9.45 -5.99 33.06
C LEU C 186 9.76 -7.13 32.10
N ASN C 187 10.10 -8.30 32.63
CA ASN C 187 10.30 -9.46 31.76
C ASN C 187 8.99 -10.00 31.24
N GLU C 188 7.95 -10.00 32.09
CA GLU C 188 6.68 -10.61 31.71
C GLU C 188 6.07 -9.96 30.49
N GLN C 189 6.38 -8.69 30.25
CA GLN C 189 5.98 -8.03 29.02
C GLN C 189 6.98 -8.26 27.91
N GLY C 190 7.75 -9.34 27.99
CA GLY C 190 8.65 -9.69 26.92
C GLY C 190 9.86 -8.81 26.79
N HIS C 191 10.32 -8.19 27.88
CA HIS C 191 11.48 -7.33 27.84
C HIS C 191 12.62 -7.92 28.66
N PHE C 192 13.75 -8.10 28.01
CA PHE C 192 15.01 -8.49 28.64
C PHE C 192 16.07 -7.52 28.17
N GLY C 193 17.32 -7.82 28.48
CA GLY C 193 18.41 -6.99 28.06
C GLY C 193 18.98 -6.21 29.22
N PRO C 194 19.94 -5.34 28.95
CA PRO C 194 20.56 -4.58 30.02
C PRO C 194 19.63 -3.56 30.64
N TYR C 195 19.28 -3.74 31.92
CA TYR C 195 18.44 -2.77 32.59
C TYR C 195 19.28 -1.57 33.04
N ALA C 196 18.62 -0.61 33.67
CA ALA C 196 19.31 0.54 34.25
C ALA C 196 18.40 1.15 35.29
N VAL C 197 18.99 1.75 36.30
CA VAL C 197 18.25 2.33 37.41
C VAL C 197 18.68 3.78 37.59
N VAL C 198 17.72 4.66 37.82
CA VAL C 198 17.97 6.06 38.13
C VAL C 198 17.10 6.45 39.31
N LEU C 199 17.69 7.08 40.32
CA LEU C 199 17.04 7.29 41.59
C LEU C 199 17.20 8.73 42.06
N SER C 200 16.29 9.15 42.95
CA SER C 200 16.38 10.45 43.59
C SER C 200 17.45 10.45 44.67
N PRO C 201 18.11 11.59 44.90
CA PRO C 201 19.24 11.60 45.84
C PRO C 201 18.87 11.19 47.25
N ARG C 202 17.66 11.48 47.71
CA ARG C 202 17.30 11.11 49.07
C ARG C 202 17.42 9.62 49.28
N LEU C 203 16.76 8.83 48.44
CA LEU C 203 16.85 7.39 48.58
C LEU C 203 18.23 6.87 48.19
N TYR C 204 18.88 7.52 47.24
CA TYR C 204 20.24 7.15 46.88
C TYR C 204 21.16 7.16 48.09
N SER C 205 21.18 8.28 48.82
CA SER C 205 21.95 8.34 50.04
C SER C 205 21.38 7.41 51.11
N GLN C 206 20.08 7.14 51.06
CA GLN C 206 19.52 6.14 51.96
C GLN C 206 20.07 4.76 51.68
N LEU C 207 20.56 4.53 50.47
CA LEU C 207 20.91 3.19 50.04
C LEU C 207 22.38 2.85 50.26
N HIS C 208 23.25 3.84 50.26
CA HIS C 208 24.68 3.62 50.54
C HIS C 208 24.95 3.34 52.00
N ARG C 209 23.92 3.14 52.83
CA ARG C 209 24.11 3.08 54.27
C ARG C 209 24.88 1.84 54.68
N ILE C 210 25.70 1.99 55.72
CA ILE C 210 26.39 0.87 56.36
C ILE C 210 25.76 0.70 57.74
N TYR C 211 25.27 -0.50 58.02
CA TYR C 211 24.39 -0.70 59.16
C TYR C 211 24.77 -2.02 59.84
N GLU C 212 24.03 -2.40 60.88
CA GLU C 212 24.29 -3.72 61.53
C GLU C 212 24.20 -4.81 60.46
N LYS C 213 24.62 -6.04 60.78
CA LYS C 213 24.67 -7.12 59.74
C LYS C 213 25.55 -6.63 58.60
N THR C 214 26.14 -5.45 58.74
CA THR C 214 27.05 -4.88 57.70
C THR C 214 26.99 -5.69 56.40
N GLY C 215 27.69 -6.81 56.34
CA GLY C 215 27.74 -7.56 55.07
C GLY C 215 28.39 -6.72 54.01
N VAL C 216 27.60 -6.19 53.07
CA VAL C 216 28.16 -5.28 52.09
C VAL C 216 27.18 -4.13 51.88
N LEU C 217 27.53 -3.21 50.98
CA LEU C 217 26.64 -2.14 50.58
C LEU C 217 25.58 -2.71 49.65
N GLU C 218 24.88 -1.87 48.92
CA GLU C 218 23.88 -2.36 47.97
C GLU C 218 24.07 -1.87 46.55
N ILE C 219 24.80 -0.78 46.31
CA ILE C 219 24.96 -0.31 44.94
C ILE C 219 25.72 -1.33 44.11
N GLU C 220 26.55 -2.15 44.74
CA GLU C 220 27.22 -3.20 43.96
C GLU C 220 26.23 -4.29 43.56
N THR C 221 25.35 -4.70 44.47
CA THR C 221 24.33 -5.68 44.11
C THR C 221 23.41 -5.13 43.04
N ILE C 222 22.88 -3.92 43.25
CA ILE C 222 21.95 -3.35 42.29
C ILE C 222 22.66 -3.10 40.96
N ARG C 223 23.89 -2.61 41.01
CA ARG C 223 24.63 -2.34 39.78
C ARG C 223 24.87 -3.61 38.99
N GLN C 224 25.28 -4.69 39.67
CA GLN C 224 25.45 -5.96 38.99
C GLN C 224 24.15 -6.44 38.40
N LEU C 225 23.06 -6.31 39.16
CA LEU C 225 21.77 -6.76 38.67
C LEU C 225 21.26 -5.91 37.52
N ALA C 226 21.76 -4.69 37.36
CA ALA C 226 21.31 -3.79 36.31
C ALA C 226 22.28 -3.73 35.13
N SER C 227 23.57 -3.81 35.38
CA SER C 227 24.60 -3.96 34.36
C SER C 227 24.70 -2.78 33.41
N ASP C 228 24.00 -1.68 33.68
CA ASP C 228 24.27 -0.48 32.91
C ASP C 228 24.27 0.78 33.78
N GLY C 229 24.41 0.62 35.09
CA GLY C 229 24.69 1.75 35.94
C GLY C 229 23.52 2.29 36.72
N VAL C 230 23.72 2.45 38.02
CA VAL C 230 22.76 3.15 38.87
C VAL C 230 23.20 4.60 38.95
N TYR C 231 22.34 5.52 38.54
CA TYR C 231 22.71 6.90 38.36
C TYR C 231 21.98 7.81 39.34
N GLN C 232 22.41 9.07 39.36
CA GLN C 232 21.91 10.09 40.27
C GLN C 232 21.32 11.23 39.47
N SER C 233 20.27 11.85 40.01
CA SER C 233 19.72 13.06 39.42
C SER C 233 19.02 13.85 40.51
N ASN C 234 19.52 15.06 40.77
CA ASN C 234 18.86 15.95 41.70
C ASN C 234 17.53 16.43 41.17
N ARG C 235 17.26 16.21 39.89
CA ARG C 235 16.13 16.81 39.21
C ARG C 235 14.81 16.10 39.50
N LEU C 236 14.84 14.98 40.21
CA LEU C 236 13.64 14.24 40.52
C LEU C 236 12.99 14.80 41.79
N ARG C 237 11.89 14.18 42.20
CA ARG C 237 11.21 14.58 43.41
C ARG C 237 11.88 13.91 44.61
N GLY C 238 11.20 13.94 45.76
CA GLY C 238 11.79 13.37 46.97
C GLY C 238 11.75 11.87 47.07
N GLU C 239 10.88 11.20 46.32
CA GLU C 239 10.70 9.75 46.46
C GLU C 239 10.49 9.08 45.10
N SER C 240 11.31 9.43 44.12
CA SER C 240 11.14 8.90 42.78
C SER C 240 12.02 7.67 42.56
N GLY C 241 12.13 7.24 41.30
CA GLY C 241 12.98 6.12 40.94
C GLY C 241 12.40 5.24 39.84
N VAL C 242 13.19 4.91 38.83
CA VAL C 242 12.69 4.19 37.65
C VAL C 242 13.70 3.12 37.23
N VAL C 243 13.21 2.22 36.37
CA VAL C 243 14.04 1.21 35.71
C VAL C 243 13.67 1.17 34.23
N VAL C 244 14.66 1.02 33.37
CA VAL C 244 14.43 1.05 31.92
C VAL C 244 15.06 -0.16 31.27
N SER C 245 15.06 -0.19 29.93
CA SER C 245 15.75 -1.22 29.17
C SER C 245 16.46 -0.51 28.03
N THR C 246 17.75 -0.23 28.23
CA THR C 246 18.43 0.85 27.52
C THR C 246 18.50 0.65 26.01
N GLY C 247 18.27 -0.54 25.50
CA GLY C 247 18.55 -0.79 24.11
C GLY C 247 17.74 0.10 23.18
N ARG C 248 18.23 0.21 21.94
CA ARG C 248 17.44 0.84 20.90
C ARG C 248 16.28 -0.07 20.53
N GLU C 249 15.53 0.32 19.50
CA GLU C 249 14.25 -0.29 19.18
C GLU C 249 13.32 -0.30 20.40
N ASN C 250 13.63 0.47 21.43
CA ASN C 250 12.75 0.74 22.55
C ASN C 250 12.67 2.20 22.93
N MET C 251 13.80 2.91 22.90
CA MET C 251 13.84 4.34 23.19
C MET C 251 14.73 4.99 22.15
N ASP C 252 14.92 6.29 22.29
CA ASP C 252 15.71 7.05 21.32
C ASP C 252 15.83 8.46 21.86
N LEU C 253 16.55 9.30 21.12
CA LEU C 253 16.66 10.70 21.47
C LEU C 253 16.88 11.47 20.18
N ALA C 254 15.97 12.37 19.84
CA ALA C 254 15.96 13.03 18.55
C ALA C 254 16.61 14.40 18.67
N VAL C 255 17.69 14.61 17.91
CA VAL C 255 18.50 15.81 18.03
C VAL C 255 18.42 16.56 16.70
N SER C 256 18.08 17.84 16.79
CA SER C 256 18.12 18.72 15.58
C SER C 256 19.46 19.45 15.68
N MET C 257 19.62 20.30 16.70
CA MET C 257 20.91 20.91 16.96
C MET C 257 21.31 20.60 18.39
N ASP C 258 22.61 20.62 18.65
CA ASP C 258 23.11 20.35 19.98
C ASP C 258 23.76 21.62 20.50
N MET C 259 24.36 21.56 21.70
CA MET C 259 24.89 22.74 22.38
C MET C 259 25.68 23.64 21.44
N VAL C 260 25.18 24.86 21.22
CA VAL C 260 25.85 25.86 20.39
C VAL C 260 25.53 27.22 21.00
N ALA C 261 26.33 28.24 20.66
CA ALA C 261 26.11 29.60 21.12
C ALA C 261 25.85 30.54 19.94
N ALA C 262 25.07 31.60 20.19
CA ALA C 262 24.84 32.62 19.17
C ALA C 262 24.44 33.93 19.85
N TYR C 263 24.48 35.04 19.09
CA TYR C 263 24.15 36.34 19.66
C TYR C 263 22.68 36.47 20.00
N LEU C 264 22.37 37.64 20.55
CA LEU C 264 21.05 38.16 20.73
C LEU C 264 21.01 39.64 20.37
N GLY C 265 21.87 40.06 19.45
CA GLY C 265 21.98 41.46 19.09
C GLY C 265 23.16 42.14 19.74
N ALA C 266 22.97 43.40 20.15
CA ALA C 266 24.00 44.14 20.88
C ALA C 266 23.31 45.28 21.60
N SER C 267 23.20 45.17 22.92
CA SER C 267 22.42 46.11 23.71
C SER C 267 23.32 46.87 24.66
N ARG C 268 23.23 48.20 24.64
CA ARG C 268 23.95 49.07 25.56
C ARG C 268 25.46 48.84 25.51
N MET C 269 25.98 48.54 24.32
CA MET C 269 27.40 48.28 24.12
C MET C 269 27.89 47.07 24.91
N ASN C 270 27.01 46.37 25.61
CA ASN C 270 27.35 45.09 26.20
C ASN C 270 27.27 44.02 25.12
N HIS C 271 27.24 42.77 25.52
CA HIS C 271 27.09 41.72 24.52
C HIS C 271 26.30 40.57 25.12
N PRO C 272 25.11 40.27 24.65
CA PRO C 272 24.38 39.11 25.13
C PRO C 272 24.66 37.90 24.24
N PHE C 273 24.26 36.73 24.73
CA PHE C 273 24.50 35.48 24.03
C PHE C 273 23.39 34.51 24.39
N ARG C 274 23.33 33.40 23.67
CA ARG C 274 22.31 32.39 23.91
C ARG C 274 22.84 31.02 23.48
N VAL C 275 22.51 29.99 24.27
CA VAL C 275 22.92 28.63 23.99
C VAL C 275 21.68 27.76 23.77
N LEU C 276 21.70 26.98 22.69
CA LEU C 276 20.52 26.33 22.15
C LEU C 276 20.69 24.81 22.10
N GLU C 277 19.56 24.12 22.03
CA GLU C 277 19.47 22.80 21.41
C GLU C 277 18.02 22.36 21.34
N ALA C 278 17.71 21.61 20.29
CA ALA C 278 16.37 21.15 19.98
C ALA C 278 16.34 19.63 20.08
N LEU C 279 15.89 19.11 21.21
CA LEU C 279 15.83 17.68 21.45
C LEU C 279 14.38 17.27 21.65
N LEU C 280 14.16 15.96 21.59
CA LEU C 280 12.84 15.42 21.88
C LEU C 280 13.00 13.95 22.23
N LEU C 281 12.63 13.57 23.44
CA LEU C 281 12.52 12.16 23.79
C LEU C 281 11.36 11.53 23.03
N ARG C 282 11.58 10.34 22.49
CA ARG C 282 10.50 9.56 21.91
C ARG C 282 10.59 8.15 22.43
N ILE C 283 9.65 7.77 23.29
CA ILE C 283 9.58 6.41 23.80
C ILE C 283 8.86 5.55 22.78
N LYS C 284 9.63 4.97 21.85
CA LYS C 284 9.03 4.14 20.81
C LYS C 284 8.24 2.99 21.39
N HIS C 285 8.69 2.44 22.51
CA HIS C 285 8.17 1.16 23.00
C HIS C 285 7.77 1.36 24.46
N PRO C 286 6.70 2.11 24.71
CA PRO C 286 6.36 2.45 26.09
C PRO C 286 5.91 1.26 26.90
N ASP C 287 6.73 0.22 26.90
CA ASP C 287 6.53 -0.96 27.72
C ASP C 287 7.67 -1.18 28.69
N ALA C 288 8.87 -0.73 28.35
CA ALA C 288 10.07 -1.01 29.13
C ALA C 288 10.32 0.07 30.17
N ILE C 289 9.32 0.35 31.00
CA ILE C 289 9.44 1.36 32.04
C ILE C 289 8.95 0.75 33.35
N CYS C 290 9.46 1.26 34.46
CA CYS C 290 8.90 0.97 35.77
C CYS C 290 9.24 2.14 36.67
N THR C 291 8.34 2.43 37.62
CA THR C 291 8.48 3.58 38.50
C THR C 291 8.05 3.16 39.90
N LEU C 292 7.79 4.15 40.76
CA LEU C 292 7.06 3.87 41.99
C LEU C 292 5.62 3.51 41.64
N GLU D 1 6.23 -13.69 -30.20
CA GLU D 1 5.77 -15.07 -30.23
C GLU D 1 4.54 -15.20 -31.10
N SER D 2 3.43 -15.61 -30.48
CA SER D 2 2.09 -15.71 -31.05
C SER D 2 1.96 -16.83 -32.08
N HIS D 3 3.04 -17.54 -32.43
CA HIS D 3 2.89 -18.78 -33.18
C HIS D 3 4.10 -19.71 -33.07
N PRO D 4 4.55 -20.11 -31.88
CA PRO D 4 5.57 -21.17 -31.83
C PRO D 4 5.02 -22.57 -32.03
N LEU D 5 3.91 -22.88 -31.35
CA LEU D 5 3.34 -24.23 -31.34
C LEU D 5 4.38 -25.27 -30.91
N THR D 6 4.75 -25.21 -29.63
CA THR D 6 5.80 -26.06 -29.09
C THR D 6 5.40 -27.53 -29.12
N VAL D 7 4.37 -27.91 -28.38
CA VAL D 7 3.94 -29.30 -28.35
C VAL D 7 2.53 -29.47 -28.87
N GLY D 8 2.41 -29.89 -30.13
CA GLY D 8 1.11 -30.05 -30.74
C GLY D 8 1.21 -30.98 -31.92
N SER D 9 0.06 -31.21 -32.56
CA SER D 9 -0.03 -32.06 -33.74
C SER D 9 0.48 -33.47 -33.44
N LEU D 10 -0.29 -34.15 -32.59
CA LEU D 10 0.04 -35.53 -32.24
C LEU D 10 -0.68 -36.53 -33.12
N ARG D 11 -0.84 -36.20 -34.40
CA ARG D 11 -1.24 -37.14 -35.44
C ARG D 11 -2.63 -37.73 -35.15
N ARG D 12 -3.63 -36.85 -35.27
CA ARG D 12 -5.01 -37.26 -35.15
C ARG D 12 -5.79 -37.00 -36.44
N GLU E 1 27.42 15.51 8.91
CA GLU E 1 27.32 16.21 7.64
C GLU E 1 26.82 17.63 7.83
N SER E 2 25.59 17.75 8.32
CA SER E 2 24.95 19.05 8.54
C SER E 2 25.22 19.47 9.98
N HIS E 3 26.27 20.27 10.18
CA HIS E 3 26.65 20.76 11.50
C HIS E 3 26.87 19.60 12.45
N PRO E 4 28.00 18.89 12.33
CA PRO E 4 28.23 17.65 13.08
C PRO E 4 27.91 17.75 14.55
N LEU E 5 27.62 16.59 15.15
CA LEU E 5 27.34 16.50 16.56
C LEU E 5 28.54 16.96 17.38
N THR E 6 28.26 17.57 18.53
CA THR E 6 29.30 18.12 19.39
C THR E 6 29.39 17.41 20.73
N VAL E 7 28.30 17.35 21.48
CA VAL E 7 28.34 16.95 22.88
C VAL E 7 27.80 15.53 23.07
N GLY E 8 26.84 15.12 22.25
CA GLY E 8 26.04 13.96 22.53
C GLY E 8 26.79 12.64 22.38
N SER E 9 26.01 11.56 22.54
CA SER E 9 26.48 10.18 22.49
C SER E 9 27.48 9.90 23.61
N LEU E 10 27.00 10.03 24.85
CA LEU E 10 27.83 9.64 25.98
C LEU E 10 28.12 8.15 25.96
N ARG E 11 27.10 7.32 26.25
CA ARG E 11 27.29 5.88 26.13
C ARG E 11 26.27 5.22 25.21
N ARG E 12 24.98 5.33 25.53
CA ARG E 12 23.93 4.54 24.90
C ARG E 12 22.61 4.76 25.63
N SER F 2 10.15 20.71 -7.61
CA SER F 2 10.28 19.29 -7.88
C SER F 2 9.30 18.84 -8.95
N HIS F 3 8.42 17.90 -8.60
CA HIS F 3 7.45 17.39 -9.55
C HIS F 3 6.49 18.50 -9.98
N PRO F 4 6.24 18.66 -11.27
CA PRO F 4 5.34 19.72 -11.72
C PRO F 4 3.90 19.40 -11.36
N LEU F 5 3.11 20.46 -11.31
CA LEU F 5 1.68 20.31 -11.12
C LEU F 5 1.06 19.67 -12.35
N THR F 6 0.10 18.77 -12.15
CA THR F 6 -0.51 18.04 -13.25
C THR F 6 -1.98 18.37 -13.45
N VAL F 7 -2.82 18.17 -12.44
CA VAL F 7 -4.25 18.40 -12.61
C VAL F 7 -4.50 19.87 -12.95
N GLY F 8 -3.86 20.77 -12.21
CA GLY F 8 -3.93 22.17 -12.50
C GLY F 8 -4.33 22.96 -11.28
N SER F 9 -4.54 24.26 -11.48
CA SER F 9 -4.93 25.13 -10.39
C SER F 9 -6.41 25.43 -10.36
N LEU F 10 -7.10 25.39 -11.50
CA LEU F 10 -8.54 25.67 -11.56
C LEU F 10 -8.83 27.05 -10.95
N ARG F 11 -8.37 28.06 -11.69
CA ARG F 11 -7.99 29.38 -11.19
C ARG F 11 -8.79 29.88 -9.99
N ARG F 12 -8.06 30.25 -8.93
CA ARG F 12 -8.63 30.68 -7.66
C ARG F 12 -9.73 29.75 -7.18
#